data_2R5E
#
_entry.id   2R5E
#
_cell.length_a   56.374
_cell.length_b   95.589
_cell.length_c   165.901
_cell.angle_alpha   90.00
_cell.angle_beta   90.00
_cell.angle_gamma   90.00
#
_symmetry.space_group_name_H-M   'P 21 21 21'
#
loop_
_entity.id
_entity.type
_entity.pdbx_description
1 polymer 'Kynurenine aminotransferase'
2 non-polymer N~2~-({3-HYDROXY-2-METHYL-5-[(PHOSPHONOOXY)METHYL]PYRIDIN-4-YL}METHYL)-L-GLUTAMINE
3 water water
#
_entity_poly.entity_id   1
_entity_poly.type   'polypeptide(L)'
_entity_poly.pdbx_seq_one_letter_code
;MSSTSNETMHNKFDLPKRYQGSTKSVWVEYIQLAAQYKPLNLGQGFPDYHAPKYALNALAAAANSPDPLANQYTRGFGHP
RLVQALSKLYSQLVDRTINPMTEVLVTVGAYEALYATIQGHVDEGDEVIIIEPFFDCYEPMVKAAGGIPRFIPLKPNKTG
GTISSADWVLDNNELEALFNEKTKMIIINTPHNPLGKVMDRAELEVVANLCKKWNVLCVSDEVYEHMVFEPFEHIRICTL
PGMWERTITIGSAGKTFSLTGWKIGWAYGPEALLKNLQMVHQNCVYTCATPIQEAIAVGFETELKRLKSPECYFNSISGE
LMAKRDYMASFLAEVGMNPTVPQGGYFMVADWSSLDSKVDLTQETDARKDYRFTKWMTKSVGLQGIPPSAFYSEPNKHLG
EDFVRYCFFKKDENLQKAAEILRKWKGSS
;
_entity_poly.pdbx_strand_id   A,B
#
# COMPACT_ATOMS: atom_id res chain seq x y z
N ASN A 11 -25.54 -4.10 7.87
CA ASN A 11 -26.01 -2.79 8.39
C ASN A 11 -25.90 -2.82 9.89
N LYS A 12 -25.59 -4.02 10.38
CA LYS A 12 -24.58 -4.06 11.38
C LYS A 12 -23.33 -3.82 10.55
N PHE A 13 -22.56 -2.87 11.02
CA PHE A 13 -21.31 -2.54 10.38
C PHE A 13 -20.17 -3.14 11.22
N ASP A 14 -20.47 -4.26 11.85
CA ASP A 14 -19.44 -5.11 12.46
C ASP A 14 -18.48 -5.60 11.36
N LEU A 15 -17.31 -6.06 11.80
CA LEU A 15 -16.34 -6.65 10.89
C LEU A 15 -16.96 -7.74 10.07
N PRO A 16 -16.53 -7.85 8.79
CA PRO A 16 -16.92 -9.00 7.99
C PRO A 16 -16.38 -10.30 8.56
N LYS A 17 -17.02 -11.38 8.19
CA LYS A 17 -16.71 -12.74 8.64
C LYS A 17 -15.22 -13.09 8.46
N ARG A 18 -14.57 -12.61 7.39
CA ARG A 18 -13.09 -12.71 7.16
C ARG A 18 -12.21 -12.21 8.30
N TYR A 19 -12.68 -11.18 8.98
CA TYR A 19 -11.89 -10.47 9.97
C TYR A 19 -12.44 -10.64 11.38
N GLN A 20 -13.34 -11.61 11.57
CA GLN A 20 -14.07 -11.76 12.85
C GLN A 20 -13.19 -11.80 14.12
N GLY A 21 -12.11 -12.55 14.10
CA GLY A 21 -11.28 -12.62 15.32
C GLY A 21 -10.52 -11.32 15.65
N SER A 22 -10.50 -10.40 14.69
CA SER A 22 -9.46 -9.36 14.60
C SER A 22 -9.28 -8.41 15.79
N THR A 23 -8.04 -8.32 16.24
CA THR A 23 -7.62 -7.33 17.24
C THR A 23 -6.50 -6.41 16.67
N LYS A 24 -6.21 -5.32 17.37
CA LYS A 24 -5.04 -4.51 17.04
C LYS A 24 -3.78 -5.36 17.11
N SER A 25 -2.93 -5.22 16.09
CA SER A 25 -1.68 -5.96 16.01
C SER A 25 -0.71 -5.54 17.15
N VAL A 26 0.32 -6.38 17.41
CA VAL A 26 1.41 -6.07 18.37
C VAL A 26 1.97 -4.70 18.05
N TRP A 27 1.96 -4.40 16.76
CA TRP A 27 2.61 -3.22 16.24
C TRP A 27 1.78 -1.97 16.51
N VAL A 28 0.49 -1.94 16.14
CA VAL A 28 -0.28 -0.74 16.55
C VAL A 28 -0.23 -0.52 18.07
N GLU A 29 -0.19 -1.62 18.83
CA GLU A 29 -0.12 -1.52 20.29
C GLU A 29 1.22 -0.97 20.80
N TYR A 30 2.33 -1.49 20.26
CA TYR A 30 3.66 -1.16 20.82
C TYR A 30 4.27 0.18 20.38
N ILE A 31 3.96 0.55 19.14
CA ILE A 31 4.29 1.87 18.65
C ILE A 31 3.61 2.93 19.56
N GLN A 32 2.33 2.71 19.86
CA GLN A 32 1.60 3.61 20.74
C GLN A 32 2.18 3.61 22.15
N LEU A 33 2.47 2.42 22.69
CA LEU A 33 3.20 2.30 23.92
C LEU A 33 4.39 3.21 23.87
N ALA A 34 5.15 3.09 22.79
CA ALA A 34 6.44 3.75 22.68
C ALA A 34 6.38 5.27 22.61
N ALA A 35 5.41 5.81 21.86
CA ALA A 35 5.20 7.26 21.80
C ALA A 35 4.78 7.86 23.16
N GLN A 36 4.06 7.05 23.94
CA GLN A 36 3.52 7.45 25.21
C GLN A 36 4.59 7.54 26.31
N TYR A 37 5.36 6.47 26.47
CA TYR A 37 6.28 6.38 27.59
C TYR A 37 7.72 6.73 27.19
N LYS A 38 7.94 6.84 25.87
CA LYS A 38 9.21 7.36 25.33
C LYS A 38 10.43 6.59 25.85
N PRO A 39 10.37 5.25 25.78
CA PRO A 39 11.47 4.46 26.35
C PRO A 39 12.67 4.40 25.40
N LEU A 40 13.80 3.87 25.89
CA LEU A 40 14.81 3.28 24.99
C LEU A 40 14.12 2.21 24.14
N ASN A 41 13.92 2.52 22.87
CA ASN A 41 13.15 1.67 21.98
C ASN A 41 14.03 0.57 21.32
N LEU A 42 14.14 -0.57 22.00
CA LEU A 42 14.75 -1.78 21.41
C LEU A 42 13.70 -2.75 20.88
N GLY A 43 12.52 -2.22 20.52
CA GLY A 43 11.39 -3.01 20.05
C GLY A 43 11.38 -3.20 18.55
N GLN A 44 10.54 -2.45 17.84
CA GLN A 44 10.47 -2.49 16.39
C GLN A 44 11.90 -2.37 15.78
N GLY A 45 12.17 -3.11 14.71
CA GLY A 45 13.50 -3.15 14.16
C GLY A 45 13.69 -1.97 13.24
N PHE A 46 14.55 -1.05 13.67
CA PHE A 46 15.06 0.03 12.82
C PHE A 46 16.33 0.63 13.46
N PRO A 47 17.22 1.25 12.65
CA PRO A 47 18.38 1.94 13.24
C PRO A 47 18.07 3.25 13.92
N ASP A 48 18.89 3.49 14.94
CA ASP A 48 19.01 4.62 15.82
C ASP A 48 19.75 5.81 15.18
N TYR A 49 20.39 5.54 14.06
CA TYR A 49 21.25 6.52 13.43
C TYR A 49 21.01 6.44 11.91
N HIS A 50 21.77 7.20 11.13
CA HIS A 50 21.43 7.41 9.73
C HIS A 50 21.89 6.27 8.85
N ALA A 51 21.10 6.03 7.81
CA ALA A 51 21.41 5.06 6.77
C ALA A 51 22.48 5.64 5.80
N PRO A 52 22.97 4.83 4.84
CA PRO A 52 23.95 5.33 3.90
C PRO A 52 23.45 6.57 3.17
N LYS A 53 24.33 7.55 3.12
CA LYS A 53 24.05 8.89 2.68
C LYS A 53 23.66 8.92 1.23
N TYR A 54 24.19 8.00 0.43
CA TYR A 54 23.89 7.98 -1.03
C TYR A 54 22.41 7.77 -1.31
N ALA A 55 21.76 6.98 -0.44
CA ALA A 55 20.34 6.70 -0.60
C ALA A 55 19.50 7.91 -0.22
N LEU A 56 19.84 8.55 0.90
CA LEU A 56 19.11 9.75 1.33
C LEU A 56 19.24 10.87 0.29
N ASN A 57 20.45 11.04 -0.25
CA ASN A 57 20.74 12.04 -1.28
C ASN A 57 19.90 11.84 -2.54
N ALA A 58 19.72 10.59 -2.90
CA ALA A 58 18.95 10.27 -4.08
C ALA A 58 17.45 10.59 -3.92
N LEU A 59 16.91 10.46 -2.71
CA LEU A 59 15.53 10.92 -2.43
C LEU A 59 15.41 12.44 -2.54
N ALA A 60 16.35 13.17 -1.93
CA ALA A 60 16.38 14.65 -2.09
C ALA A 60 16.45 15.06 -3.58
N ALA A 61 17.29 14.35 -4.33
CA ALA A 61 17.45 14.66 -5.78
C ALA A 61 16.16 14.43 -6.56
N ALA A 62 15.42 13.37 -6.18
CA ALA A 62 14.13 13.06 -6.85
C ALA A 62 13.09 14.12 -6.48
N ALA A 63 13.04 14.53 -5.22
CA ALA A 63 12.14 15.65 -4.85
C ALA A 63 12.49 16.91 -5.63
N ASN A 64 13.80 17.20 -5.73
CA ASN A 64 14.30 18.41 -6.44
C ASN A 64 14.42 18.27 -7.95
N SER A 65 13.95 17.17 -8.52
CA SER A 65 14.20 16.92 -9.92
C SER A 65 13.56 17.96 -10.86
N PRO A 66 14.29 18.38 -11.90
CA PRO A 66 13.75 19.16 -13.04
C PRO A 66 12.70 18.43 -13.90
N ASP A 67 12.62 17.11 -13.76
CA ASP A 67 11.65 16.33 -14.51
C ASP A 67 10.30 16.43 -13.79
N PRO A 68 9.29 17.06 -14.43
CA PRO A 68 8.00 17.15 -13.72
C PRO A 68 7.37 15.78 -13.41
N LEU A 69 7.73 14.73 -14.13
CA LEU A 69 7.17 13.38 -13.92
C LEU A 69 7.87 12.59 -12.79
N ALA A 70 8.96 13.14 -12.28
CA ALA A 70 9.70 12.55 -11.15
C ALA A 70 8.81 12.33 -9.93
N ASN A 71 7.77 13.18 -9.78
CA ASN A 71 6.84 13.11 -8.65
C ASN A 71 5.39 12.83 -9.04
N GLN A 72 5.21 12.29 -10.24
CA GLN A 72 3.93 11.84 -10.74
C GLN A 72 3.86 10.34 -10.90
N TYR A 73 2.67 9.81 -11.18
CA TYR A 73 2.46 8.37 -11.23
C TYR A 73 3.51 7.61 -12.04
N THR A 74 3.96 6.49 -11.52
CA THR A 74 4.79 5.62 -12.31
C THR A 74 4.10 4.27 -12.49
N ARG A 75 4.73 3.42 -13.29
CA ARG A 75 4.21 2.11 -13.67
C ARG A 75 3.76 1.27 -12.43
N GLY A 76 2.56 0.73 -12.51
CA GLY A 76 1.92 0.11 -11.32
C GLY A 76 2.64 -1.12 -10.76
N PHE A 77 3.24 -1.92 -11.63
CA PHE A 77 3.93 -3.15 -11.16
C PHE A 77 5.35 -2.83 -10.72
N GLY A 78 5.81 -1.60 -10.98
CA GLY A 78 7.14 -1.17 -10.45
C GLY A 78 7.78 -0.12 -11.37
N HIS A 79 8.37 0.90 -10.77
CA HIS A 79 9.04 1.97 -11.52
C HIS A 79 10.12 1.30 -12.42
N PRO A 80 10.17 1.67 -13.72
CA PRO A 80 11.06 0.94 -14.64
C PRO A 80 12.52 0.92 -14.17
N ARG A 81 13.05 2.07 -13.72
CA ARG A 81 14.47 2.10 -13.29
C ARG A 81 14.68 1.09 -12.13
N LEU A 82 13.69 1.00 -11.24
CA LEU A 82 13.84 0.10 -10.08
C LEU A 82 13.77 -1.38 -10.48
N VAL A 83 12.74 -1.78 -11.23
CA VAL A 83 12.62 -3.21 -11.66
C VAL A 83 13.83 -3.68 -12.50
N GLN A 84 14.37 -2.77 -13.30
CA GLN A 84 15.61 -3.04 -14.02
C GLN A 84 16.78 -3.34 -13.08
N ALA A 85 17.02 -2.47 -12.10
CA ALA A 85 18.09 -2.67 -11.09
C ALA A 85 17.88 -3.95 -10.25
N LEU A 86 16.63 -4.19 -9.82
CA LEU A 86 16.28 -5.45 -9.15
C LEU A 86 16.61 -6.65 -10.02
N SER A 87 16.20 -6.62 -11.30
CA SER A 87 16.48 -7.79 -12.17
C SER A 87 17.99 -7.97 -12.35
N LYS A 88 18.71 -6.86 -12.50
CA LYS A 88 20.16 -6.93 -12.63
C LYS A 88 20.81 -7.56 -11.41
N LEU A 89 20.34 -7.20 -10.21
CA LEU A 89 20.86 -7.79 -8.97
C LEU A 89 20.50 -9.24 -8.79
N TYR A 90 19.21 -9.55 -8.81
CA TYR A 90 18.78 -10.93 -8.52
C TYR A 90 19.11 -11.91 -9.61
N SER A 91 19.26 -11.44 -10.85
CA SER A 91 19.63 -12.34 -11.94
C SER A 91 21.00 -12.93 -11.60
N GLN A 92 21.86 -12.10 -11.02
CA GLN A 92 23.20 -12.53 -10.71
C GLN A 92 23.20 -13.45 -9.46
N LEU A 93 22.45 -13.04 -8.45
CA LEU A 93 22.30 -13.81 -7.20
C LEU A 93 21.63 -15.18 -7.37
N VAL A 94 20.62 -15.27 -8.22
CA VAL A 94 19.93 -16.54 -8.42
C VAL A 94 20.44 -17.31 -9.64
N ASP A 95 21.45 -16.77 -10.32
CA ASP A 95 21.97 -17.35 -11.56
C ASP A 95 20.85 -17.74 -12.57
N ARG A 96 19.97 -16.79 -12.89
CA ARG A 96 19.11 -16.91 -14.07
C ARG A 96 18.71 -15.53 -14.56
N THR A 97 18.18 -15.43 -15.78
CA THR A 97 17.75 -14.12 -16.26
C THR A 97 16.33 -13.78 -15.80
N ILE A 98 16.21 -12.83 -14.87
CA ILE A 98 14.89 -12.48 -14.34
C ILE A 98 14.34 -11.33 -15.16
N ASN A 99 13.19 -11.58 -15.75
CA ASN A 99 12.54 -10.58 -16.60
C ASN A 99 12.03 -9.44 -15.69
N PRO A 100 12.58 -8.22 -15.84
CA PRO A 100 12.20 -7.13 -14.94
C PRO A 100 10.72 -6.76 -15.07
N MET A 101 10.12 -7.06 -16.23
CA MET A 101 8.72 -6.66 -16.51
C MET A 101 7.69 -7.63 -15.94
N THR A 102 7.97 -8.92 -16.01
CA THR A 102 6.97 -9.95 -15.71
C THR A 102 7.33 -10.82 -14.47
N GLU A 103 8.56 -10.70 -13.99
CA GLU A 103 9.04 -11.57 -12.93
C GLU A 103 9.47 -10.83 -11.65
N VAL A 104 9.22 -9.52 -11.63
CA VAL A 104 9.49 -8.70 -10.42
C VAL A 104 8.20 -7.90 -10.20
N LEU A 105 7.78 -7.82 -8.94
CA LEU A 105 6.71 -6.90 -8.58
C LEU A 105 7.12 -6.06 -7.38
N VAL A 106 7.02 -4.74 -7.53
CA VAL A 106 7.35 -3.81 -6.46
C VAL A 106 6.08 -3.50 -5.67
N THR A 107 6.24 -3.45 -4.33
CA THR A 107 5.13 -3.40 -3.37
C THR A 107 5.39 -2.41 -2.24
N VAL A 108 4.35 -2.09 -1.46
CA VAL A 108 4.49 -1.21 -0.29
C VAL A 108 5.09 -2.00 0.86
N GLY A 109 6.42 -2.04 0.87
CA GLY A 109 7.18 -2.91 1.78
C GLY A 109 7.08 -4.38 1.42
N ALA A 110 7.89 -5.19 2.11
CA ALA A 110 7.69 -6.64 2.12
C ALA A 110 6.27 -6.95 2.64
N TYR A 111 5.67 -6.05 3.45
CA TYR A 111 4.29 -6.27 3.94
C TYR A 111 3.30 -6.50 2.83
N GLU A 112 3.20 -5.55 1.89
CA GLU A 112 2.23 -5.68 0.81
C GLU A 112 2.67 -6.77 -0.17
N ALA A 113 3.96 -7.12 -0.21
CA ALA A 113 4.41 -8.29 -1.03
C ALA A 113 3.78 -9.59 -0.44
N LEU A 114 3.86 -9.73 0.86
CA LEU A 114 3.22 -10.85 1.52
C LEU A 114 1.69 -10.82 1.37
N TYR A 115 1.12 -9.63 1.50
CA TYR A 115 -0.32 -9.48 1.33
C TYR A 115 -0.79 -9.96 -0.05
N ALA A 116 -0.15 -9.46 -1.12
CA ALA A 116 -0.56 -9.79 -2.49
C ALA A 116 -0.34 -11.27 -2.80
N THR A 117 0.71 -11.83 -2.18
CA THR A 117 1.05 -13.25 -2.33
C THR A 117 -0.01 -14.16 -1.69
N ILE A 118 -0.41 -13.79 -0.48
CA ILE A 118 -1.38 -14.58 0.26
C ILE A 118 -2.79 -14.36 -0.30
N GLN A 119 -3.18 -13.12 -0.58
CA GLN A 119 -4.48 -12.91 -1.21
C GLN A 119 -4.51 -13.57 -2.58
N GLY A 120 -3.36 -13.54 -3.27
CA GLY A 120 -3.29 -14.00 -4.65
C GLY A 120 -3.30 -15.53 -4.78
N HIS A 121 -2.96 -16.23 -3.72
CA HIS A 121 -2.71 -17.66 -3.81
C HIS A 121 -3.41 -18.49 -2.75
N VAL A 122 -4.17 -17.84 -1.87
CA VAL A 122 -4.88 -18.59 -0.80
C VAL A 122 -6.39 -18.43 -1.00
N ASP A 123 -7.05 -19.55 -1.31
CA ASP A 123 -8.50 -19.64 -1.43
C ASP A 123 -9.14 -20.24 -0.16
N GLU A 124 -10.46 -20.18 -0.09
CA GLU A 124 -11.20 -20.71 1.06
C GLU A 124 -10.84 -22.18 1.27
N GLY A 125 -10.39 -22.49 2.48
CA GLY A 125 -10.06 -23.86 2.85
C GLY A 125 -8.65 -24.31 2.56
N ASP A 126 -7.88 -23.50 1.82
CA ASP A 126 -6.49 -23.81 1.53
C ASP A 126 -5.64 -23.88 2.79
N GLU A 127 -4.86 -24.93 2.94
CA GLU A 127 -3.97 -24.99 4.12
C GLU A 127 -2.62 -24.31 3.91
N VAL A 128 -2.26 -23.45 4.85
CA VAL A 128 -0.97 -22.75 4.79
C VAL A 128 -0.13 -23.08 6.01
N ILE A 129 1.08 -23.56 5.79
CA ILE A 129 1.86 -23.94 6.93
C ILE A 129 2.80 -22.81 7.30
N ILE A 130 2.81 -22.50 8.60
CA ILE A 130 3.53 -21.36 9.17
C ILE A 130 4.46 -21.91 10.24
N ILE A 131 5.72 -21.47 10.20
CA ILE A 131 6.77 -21.86 11.16
C ILE A 131 6.88 -20.87 12.30
N GLU A 132 6.61 -21.36 13.52
CA GLU A 132 6.65 -20.53 14.72
C GLU A 132 8.06 -20.54 15.28
N PRO A 133 8.50 -19.45 15.96
CA PRO A 133 7.77 -18.17 16.02
C PRO A 133 7.76 -17.48 14.66
N PHE A 134 6.64 -16.87 14.30
CA PHE A 134 6.47 -16.37 12.95
C PHE A 134 6.30 -14.86 12.95
N PHE A 135 6.82 -14.19 11.91
CA PHE A 135 6.53 -12.79 11.76
C PHE A 135 5.00 -12.61 11.78
N ASP A 136 4.54 -11.67 12.59
CA ASP A 136 3.15 -11.73 13.01
C ASP A 136 2.08 -11.57 11.95
N CYS A 137 2.40 -10.98 10.79
CA CYS A 137 1.31 -10.77 9.83
C CYS A 137 0.91 -12.06 9.13
N TYR A 138 1.75 -13.09 9.19
CA TYR A 138 1.48 -14.26 8.37
C TYR A 138 0.11 -14.86 8.66
N GLU A 139 -0.14 -15.07 9.94
CA GLU A 139 -1.39 -15.68 10.38
C GLU A 139 -2.63 -14.85 10.04
N PRO A 140 -2.72 -13.59 10.52
CA PRO A 140 -3.93 -12.85 10.10
C PRO A 140 -4.12 -12.72 8.57
N MET A 141 -3.04 -12.67 7.80
CA MET A 141 -3.18 -12.58 6.34
C MET A 141 -3.82 -13.86 5.76
N VAL A 142 -3.30 -14.99 6.19
CA VAL A 142 -3.82 -16.30 5.76
C VAL A 142 -5.31 -16.43 6.09
N LYS A 143 -5.66 -16.07 7.32
CA LYS A 143 -7.04 -16.14 7.82
C LYS A 143 -7.97 -15.20 7.07
N ALA A 144 -7.50 -13.99 6.75
CA ALA A 144 -8.22 -13.05 5.90
C ALA A 144 -8.50 -13.59 4.49
N ALA A 145 -7.58 -14.35 3.95
CA ALA A 145 -7.73 -14.92 2.61
C ALA A 145 -8.67 -16.15 2.60
N GLY A 146 -9.18 -16.48 3.78
CA GLY A 146 -10.00 -17.68 3.98
C GLY A 146 -9.20 -18.96 4.20
N GLY A 147 -7.87 -18.82 4.29
CA GLY A 147 -6.98 -19.96 4.43
C GLY A 147 -6.99 -20.50 5.83
N ILE A 148 -6.46 -21.70 5.98
CA ILE A 148 -6.34 -22.41 7.25
C ILE A 148 -4.88 -22.54 7.67
N PRO A 149 -4.45 -21.78 8.70
CA PRO A 149 -3.05 -21.87 9.10
C PRO A 149 -2.74 -23.16 9.85
N ARG A 150 -1.60 -23.76 9.52
CA ARG A 150 -1.11 -24.99 10.12
C ARG A 150 0.30 -24.71 10.66
N PHE A 151 0.44 -24.70 11.99
CA PHE A 151 1.68 -24.25 12.66
C PHE A 151 2.60 -25.38 13.13
N ILE A 152 3.91 -25.12 13.09
CA ILE A 152 4.97 -25.98 13.65
C ILE A 152 6.00 -25.07 14.28
N PRO A 153 6.33 -25.29 15.55
CA PRO A 153 7.38 -24.47 16.17
C PRO A 153 8.81 -24.93 15.92
N LEU A 154 9.70 -23.97 15.71
CA LEU A 154 11.12 -24.17 15.96
C LEU A 154 11.32 -24.23 17.47
N LYS A 155 12.12 -25.19 17.93
CA LYS A 155 12.43 -25.38 19.37
C LYS A 155 13.93 -25.64 19.56
N PRO A 156 14.54 -25.06 20.62
CA PRO A 156 15.97 -25.16 20.83
C PRO A 156 16.33 -26.57 21.31
N ASN A 157 17.38 -27.15 20.75
CA ASN A 157 17.72 -28.53 21.09
C ASN A 157 18.78 -28.59 22.18
N LYS A 158 18.95 -27.46 22.84
CA LYS A 158 19.99 -27.28 23.85
C LYS A 158 19.43 -26.37 24.92
N THR A 159 19.83 -26.63 26.16
CA THR A 159 19.46 -25.76 27.26
C THR A 159 20.72 -25.22 27.93
N GLY A 160 20.56 -24.18 28.73
CA GLY A 160 21.65 -23.65 29.55
C GLY A 160 22.75 -22.86 28.86
N GLY A 161 22.69 -21.54 29.00
CA GLY A 161 23.78 -20.64 28.64
C GLY A 161 23.46 -19.75 27.45
N THR A 162 24.42 -19.70 26.53
CA THR A 162 24.24 -19.06 25.23
C THR A 162 24.25 -20.16 24.17
N ILE A 163 23.10 -20.29 23.52
CA ILE A 163 22.92 -21.18 22.42
C ILE A 163 23.02 -20.37 21.11
N SER A 164 22.90 -21.06 19.97
CA SER A 164 22.91 -20.42 18.68
C SER A 164 21.53 -20.53 18.07
N SER A 165 21.16 -19.63 17.15
CA SER A 165 19.88 -19.78 16.45
C SER A 165 19.86 -21.07 15.61
N ALA A 166 21.04 -21.53 15.22
CA ALA A 166 21.18 -22.86 14.58
C ALA A 166 20.60 -23.97 15.45
N ASP A 167 20.54 -23.76 16.76
CA ASP A 167 20.01 -24.80 17.68
C ASP A 167 18.51 -24.86 17.72
N TRP A 168 17.85 -23.82 17.20
CA TRP A 168 16.39 -23.90 17.07
C TRP A 168 16.00 -24.66 15.80
N VAL A 169 15.30 -25.79 15.96
CA VAL A 169 15.09 -26.69 14.84
C VAL A 169 13.67 -27.24 14.81
N LEU A 170 13.27 -27.67 13.63
CA LEU A 170 11.96 -28.19 13.38
C LEU A 170 11.98 -29.71 13.59
N ASP A 171 10.86 -30.25 14.04
CA ASP A 171 10.72 -31.71 14.07
C ASP A 171 10.33 -32.19 12.68
N ASN A 172 11.28 -32.87 12.00
CA ASN A 172 11.08 -33.33 10.62
C ASN A 172 9.82 -34.17 10.37
N ASN A 173 9.47 -35.03 11.32
CA ASN A 173 8.28 -35.84 11.14
C ASN A 173 7.01 -35.06 11.42
N GLU A 174 7.06 -34.15 12.39
CA GLU A 174 5.99 -33.16 12.59
C GLU A 174 5.72 -32.38 11.28
N LEU A 175 6.81 -31.98 10.61
CA LEU A 175 6.75 -31.16 9.39
C LEU A 175 6.16 -31.96 8.23
N GLU A 176 6.71 -33.15 8.00
CA GLU A 176 6.18 -34.03 6.98
C GLU A 176 4.69 -34.32 7.19
N ALA A 177 4.27 -34.55 8.43
CA ALA A 177 2.86 -34.88 8.71
C ALA A 177 1.93 -33.71 8.42
N LEU A 178 2.50 -32.51 8.29
CA LEU A 178 1.72 -31.32 8.15
C LEU A 178 1.29 -31.16 6.71
N PHE A 179 2.12 -31.71 5.83
CA PHE A 179 1.92 -31.66 4.40
C PHE A 179 0.90 -32.71 3.97
N ASN A 180 -0.17 -32.23 3.35
CA ASN A 180 -1.20 -33.13 2.80
C ASN A 180 -1.70 -32.53 1.48
N GLU A 181 -2.66 -33.17 0.83
CA GLU A 181 -3.10 -32.65 -0.45
C GLU A 181 -3.90 -31.34 -0.29
N LYS A 182 -4.21 -30.96 0.95
CA LYS A 182 -4.85 -29.69 1.23
C LYS A 182 -3.84 -28.52 1.34
N THR A 183 -2.57 -28.86 1.54
CA THR A 183 -1.47 -27.87 1.59
C THR A 183 -1.28 -27.09 0.30
N LYS A 184 -1.53 -25.79 0.40
CA LYS A 184 -1.40 -24.89 -0.73
C LYS A 184 -0.03 -24.22 -0.75
N MET A 185 0.45 -23.88 0.45
CA MET A 185 1.56 -22.93 0.60
C MET A 185 2.30 -23.23 1.88
N ILE A 186 3.61 -22.98 1.86
CA ILE A 186 4.42 -22.86 3.07
C ILE A 186 5.15 -21.53 3.05
N ILE A 187 5.17 -20.83 4.19
CA ILE A 187 5.90 -19.58 4.32
C ILE A 187 7.13 -19.89 5.16
N ILE A 188 8.30 -19.63 4.59
CA ILE A 188 9.57 -19.70 5.32
C ILE A 188 10.16 -18.28 5.40
N ASN A 189 10.93 -18.01 6.44
CA ASN A 189 11.50 -16.68 6.71
C ASN A 189 12.93 -16.91 7.11
N THR A 190 13.84 -16.52 6.23
CA THR A 190 15.27 -16.71 6.44
C THR A 190 16.04 -15.54 5.84
N PRO A 191 16.95 -14.92 6.61
CA PRO A 191 17.20 -15.12 8.06
C PRO A 191 15.94 -14.82 8.83
N HIS A 192 15.73 -15.52 9.94
CA HIS A 192 14.44 -15.59 10.62
C HIS A 192 14.22 -14.44 11.63
N ASN A 193 12.97 -13.96 11.72
CA ASN A 193 12.58 -12.95 12.73
C ASN A 193 11.59 -13.72 13.61
N PRO A 194 11.77 -13.75 14.94
CA PRO A 194 12.68 -13.08 15.84
C PRO A 194 14.04 -13.78 16.16
N LEU A 195 14.25 -15.02 15.72
CA LEU A 195 15.39 -15.82 16.19
C LEU A 195 16.72 -15.53 15.49
N GLY A 196 16.67 -15.12 14.22
CA GLY A 196 17.94 -14.86 13.53
C GLY A 196 18.48 -16.14 12.87
N LYS A 197 17.71 -17.22 12.93
CA LYS A 197 18.09 -18.47 12.28
C LYS A 197 18.30 -18.27 10.77
N VAL A 198 19.46 -18.75 10.29
CA VAL A 198 19.62 -18.95 8.86
C VAL A 198 19.56 -20.42 8.46
N MET A 199 18.60 -20.73 7.59
CA MET A 199 18.36 -22.10 7.20
C MET A 199 19.57 -22.57 6.40
N ASP A 200 20.15 -23.70 6.83
CA ASP A 200 21.22 -24.30 6.05
C ASP A 200 20.63 -25.05 4.88
N ARG A 201 21.49 -25.47 3.95
CA ARG A 201 21.07 -26.21 2.76
C ARG A 201 20.19 -27.45 3.00
N ALA A 202 20.51 -28.27 4.02
CA ALA A 202 19.68 -29.47 4.33
C ALA A 202 18.28 -29.09 4.80
N GLU A 203 18.21 -28.06 5.64
CA GLU A 203 16.91 -27.51 6.05
C GLU A 203 16.06 -27.00 4.87
N LEU A 204 16.70 -26.27 3.94
CA LEU A 204 16.01 -25.84 2.73
C LEU A 204 15.70 -27.03 1.82
N GLU A 205 16.56 -28.07 1.83
CA GLU A 205 16.24 -29.30 1.09
C GLU A 205 15.02 -30.03 1.62
N VAL A 206 14.86 -30.10 2.94
CA VAL A 206 13.67 -30.71 3.52
C VAL A 206 12.39 -30.10 2.97
N VAL A 207 12.33 -28.77 2.99
CA VAL A 207 11.18 -28.02 2.55
C VAL A 207 11.00 -28.15 1.06
N ALA A 208 12.10 -28.01 0.32
CA ALA A 208 12.07 -28.12 -1.12
C ALA A 208 11.44 -29.44 -1.54
N ASN A 209 11.90 -30.53 -0.92
CA ASN A 209 11.46 -31.89 -1.33
C ASN A 209 9.96 -32.17 -1.06
N LEU A 210 9.47 -31.61 0.04
CA LEU A 210 8.07 -31.63 0.45
C LEU A 210 7.18 -30.75 -0.45
N CYS A 211 7.68 -29.55 -0.79
CA CYS A 211 6.97 -28.70 -1.75
C CYS A 211 6.80 -29.36 -3.11
N LYS A 212 7.81 -30.09 -3.55
CA LYS A 212 7.72 -30.79 -4.84
C LYS A 212 6.79 -32.00 -4.81
N LYS A 213 6.93 -32.79 -3.74
CA LYS A 213 6.08 -33.94 -3.46
C LYS A 213 4.61 -33.58 -3.45
N TRP A 214 4.25 -32.53 -2.71
CA TRP A 214 2.87 -32.18 -2.49
C TRP A 214 2.36 -31.05 -3.38
N ASN A 215 3.22 -30.60 -4.31
CA ASN A 215 2.88 -29.50 -5.23
C ASN A 215 2.44 -28.25 -4.48
N VAL A 216 3.30 -27.77 -3.60
CA VAL A 216 2.94 -26.57 -2.87
C VAL A 216 3.85 -25.40 -3.28
N LEU A 217 3.31 -24.19 -3.10
CA LEU A 217 4.02 -22.95 -3.35
C LEU A 217 4.82 -22.59 -2.13
N CYS A 218 6.12 -22.36 -2.29
CA CYS A 218 6.97 -21.85 -1.20
C CYS A 218 7.07 -20.34 -1.32
N VAL A 219 6.77 -19.67 -0.23
CA VAL A 219 6.93 -18.20 -0.16
C VAL A 219 8.10 -17.96 0.79
N SER A 220 9.16 -17.33 0.28
CA SER A 220 10.36 -17.13 1.05
C SER A 220 10.57 -15.66 1.38
N ASP A 221 10.34 -15.34 2.64
CA ASP A 221 10.52 -13.99 3.15
C ASP A 221 12.01 -13.82 3.50
N GLU A 222 12.74 -13.10 2.63
CA GLU A 222 14.20 -12.99 2.71
C GLU A 222 14.62 -11.54 2.95
N VAL A 223 13.74 -10.80 3.62
CA VAL A 223 13.99 -9.39 3.94
C VAL A 223 15.38 -9.13 4.55
N TYR A 224 15.87 -10.06 5.37
CA TYR A 224 17.17 -9.84 6.05
C TYR A 224 18.33 -10.52 5.31
N GLU A 225 18.09 -10.79 4.03
CA GLU A 225 19.07 -11.48 3.15
C GLU A 225 20.52 -11.00 3.20
N HIS A 226 20.74 -9.71 3.42
CA HIS A 226 22.12 -9.22 3.38
C HIS A 226 22.86 -9.19 4.74
N MET A 227 22.20 -9.68 5.79
CA MET A 227 22.66 -9.42 7.14
C MET A 227 23.11 -10.71 7.78
N VAL A 228 23.64 -11.66 7.01
CA VAL A 228 24.11 -12.92 7.63
C VAL A 228 25.54 -12.79 8.19
N PHE A 229 25.77 -13.35 9.36
CA PHE A 229 27.07 -13.21 10.00
C PHE A 229 28.02 -14.35 9.63
N GLU A 230 29.29 -14.00 9.42
CA GLU A 230 30.32 -15.00 9.24
C GLU A 230 30.20 -15.92 10.44
N PRO A 231 30.36 -17.24 10.23
CA PRO A 231 30.71 -17.91 8.98
C PRO A 231 29.49 -18.50 8.24
N PHE A 232 28.30 -17.95 8.47
CA PHE A 232 27.11 -18.44 7.83
C PHE A 232 26.88 -17.80 6.44
N GLU A 233 25.88 -18.30 5.73
CA GLU A 233 25.64 -17.93 4.33
C GLU A 233 24.16 -17.87 4.10
N HIS A 234 23.68 -16.80 3.48
CA HIS A 234 22.30 -16.83 3.03
C HIS A 234 22.24 -17.64 1.75
N ILE A 235 21.44 -18.69 1.77
CA ILE A 235 21.12 -19.46 0.57
C ILE A 235 19.64 -19.22 0.22
N ARG A 236 19.37 -18.98 -1.07
CA ARG A 236 18.03 -18.72 -1.60
C ARG A 236 17.38 -20.02 -2.09
N ILE A 237 16.27 -20.39 -1.45
CA ILE A 237 15.53 -21.61 -1.84
C ILE A 237 15.09 -21.64 -3.31
N CYS A 238 14.78 -20.49 -3.93
CA CYS A 238 14.34 -20.46 -5.31
C CYS A 238 15.45 -20.95 -6.25
N THR A 239 16.63 -21.11 -5.68
CA THR A 239 17.82 -21.50 -6.41
C THR A 239 17.99 -23.05 -6.38
N LEU A 240 17.25 -23.74 -5.49
CA LEU A 240 17.36 -25.22 -5.38
C LEU A 240 16.72 -25.90 -6.60
N PRO A 241 17.10 -27.18 -6.85
CA PRO A 241 16.64 -27.80 -8.09
C PRO A 241 15.11 -27.92 -8.15
N GLY A 242 14.53 -27.46 -9.26
CA GLY A 242 13.07 -27.51 -9.44
C GLY A 242 12.28 -26.48 -8.64
N MET A 243 12.96 -25.63 -7.88
CA MET A 243 12.25 -24.70 -6.97
C MET A 243 11.82 -23.37 -7.58
N TRP A 244 12.51 -22.91 -8.63
CA TRP A 244 12.20 -21.62 -9.24
C TRP A 244 10.71 -21.55 -9.62
N GLU A 245 10.16 -22.63 -10.23
CA GLU A 245 8.77 -22.65 -10.71
C GLU A 245 7.77 -22.68 -9.58
N ARG A 246 8.22 -23.01 -8.37
CA ARG A 246 7.28 -23.05 -7.25
C ARG A 246 7.60 -22.13 -6.07
N THR A 247 8.35 -21.05 -6.32
CA THR A 247 8.75 -20.14 -5.24
C THR A 247 8.46 -18.65 -5.58
N ILE A 248 8.02 -17.91 -4.58
CA ILE A 248 7.95 -16.48 -4.66
C ILE A 248 8.90 -15.99 -3.57
N THR A 249 9.87 -15.16 -3.93
CA THR A 249 10.72 -14.64 -2.88
C THR A 249 10.62 -13.12 -2.68
N ILE A 250 10.67 -12.73 -1.42
CA ILE A 250 10.33 -11.38 -1.00
C ILE A 250 11.53 -10.64 -0.34
N GLY A 251 11.72 -9.36 -0.72
CA GLY A 251 12.72 -8.52 -0.09
C GLY A 251 12.12 -7.17 0.26
N SER A 252 12.93 -6.36 0.94
CA SER A 252 12.52 -5.06 1.41
C SER A 252 13.66 -4.04 1.23
N ALA A 253 13.36 -2.89 0.66
CA ALA A 253 14.39 -1.85 0.52
C ALA A 253 14.65 -1.28 1.90
N GLY A 254 13.59 -1.32 2.71
CA GLY A 254 13.61 -0.81 4.11
C GLY A 254 14.63 -1.58 4.95
N LYS A 255 14.75 -2.87 4.68
CA LYS A 255 15.79 -3.65 5.32
C LYS A 255 17.14 -3.62 4.56
N THR A 256 17.09 -3.70 3.23
CA THR A 256 18.31 -3.70 2.36
C THR A 256 19.10 -2.39 2.56
N PHE A 257 18.41 -1.26 2.62
CA PHE A 257 19.12 0.04 2.79
C PHE A 257 18.92 0.73 4.13
N SER A 258 18.30 0.04 5.10
CA SER A 258 18.10 0.55 6.48
C SER A 258 17.31 1.86 6.51
N LEU A 259 16.28 1.89 5.68
CA LEU A 259 15.39 3.05 5.54
C LEU A 259 13.98 2.51 5.63
N THR A 260 13.63 2.14 6.85
CA THR A 260 12.46 1.39 7.18
C THR A 260 11.21 2.25 6.86
N GLY A 261 11.32 3.57 6.97
CA GLY A 261 10.19 4.49 6.60
C GLY A 261 9.95 4.70 5.12
N TRP A 262 10.71 4.03 4.26
CA TRP A 262 10.48 4.15 2.82
C TRP A 262 9.44 3.16 2.30
N LYS A 263 9.25 2.02 3.00
CA LYS A 263 8.16 1.08 2.73
C LYS A 263 8.03 0.71 1.22
N ILE A 264 9.10 0.14 0.69
CA ILE A 264 9.10 -0.40 -0.65
C ILE A 264 9.78 -1.74 -0.54
N GLY A 265 9.15 -2.76 -1.11
CA GLY A 265 9.73 -4.09 -1.17
C GLY A 265 9.33 -4.70 -2.50
N TRP A 266 9.52 -6.00 -2.64
CA TRP A 266 9.30 -6.67 -3.91
C TRP A 266 9.07 -8.16 -3.72
N ALA A 267 8.40 -8.76 -4.69
CA ALA A 267 8.33 -10.21 -4.87
C ALA A 267 8.98 -10.50 -6.21
N TYR A 268 9.80 -11.55 -6.28
CA TYR A 268 10.25 -12.05 -7.60
C TYR A 268 10.06 -13.57 -7.68
N GLY A 269 9.91 -14.03 -8.92
CA GLY A 269 9.63 -15.42 -9.26
C GLY A 269 9.01 -15.53 -10.65
N PRO A 270 8.62 -16.75 -11.04
CA PRO A 270 8.07 -16.98 -12.36
C PRO A 270 6.80 -16.17 -12.66
N GLU A 271 6.70 -15.70 -13.91
CA GLU A 271 5.55 -14.95 -14.39
C GLU A 271 4.21 -15.57 -14.01
N ALA A 272 4.05 -16.89 -14.22
CA ALA A 272 2.80 -17.60 -13.90
C ALA A 272 2.29 -17.34 -12.49
N LEU A 273 3.19 -17.40 -11.50
CA LEU A 273 2.88 -17.14 -10.11
C LEU A 273 2.64 -15.64 -9.81
N LEU A 274 3.41 -14.74 -10.43
CA LEU A 274 3.30 -13.32 -10.04
C LEU A 274 2.03 -12.71 -10.64
N LYS A 275 1.50 -13.33 -11.69
CA LYS A 275 0.24 -12.83 -12.26
C LYS A 275 -0.86 -12.70 -11.20
N ASN A 276 -0.95 -13.68 -10.29
CA ASN A 276 -1.90 -13.62 -9.20
C ASN A 276 -1.68 -12.39 -8.31
N LEU A 277 -0.42 -12.12 -7.93
CA LEU A 277 -0.14 -10.97 -7.07
C LEU A 277 -0.45 -9.66 -7.82
N GLN A 278 -0.18 -9.65 -9.11
CA GLN A 278 -0.52 -8.51 -9.97
C GLN A 278 -2.00 -8.12 -9.92
N MET A 279 -2.88 -9.13 -9.89
CA MET A 279 -4.35 -8.89 -9.86
C MET A 279 -4.83 -8.34 -8.54
N VAL A 280 -4.17 -8.77 -7.47
CA VAL A 280 -4.48 -8.23 -6.15
C VAL A 280 -3.92 -6.79 -6.13
N HIS A 281 -2.64 -6.66 -6.44
CA HIS A 281 -1.92 -5.38 -6.33
C HIS A 281 -2.64 -4.28 -7.14
N GLN A 282 -3.01 -4.58 -8.37
CA GLN A 282 -3.61 -3.54 -9.26
C GLN A 282 -4.89 -2.90 -8.71
N ASN A 283 -5.57 -3.64 -7.84
CA ASN A 283 -6.80 -3.14 -7.25
C ASN A 283 -6.73 -3.16 -5.71
N CYS A 284 -5.51 -2.98 -5.18
CA CYS A 284 -5.33 -2.76 -3.76
C CYS A 284 -4.67 -1.37 -3.56
N VAL A 285 -3.44 -1.22 -4.04
CA VAL A 285 -2.76 0.11 -4.07
C VAL A 285 -2.52 0.66 -5.47
N TYR A 286 -2.53 -0.21 -6.48
CA TYR A 286 -2.26 0.12 -7.88
C TYR A 286 -0.76 0.39 -8.20
N THR A 287 -0.15 1.34 -7.51
CA THR A 287 1.23 1.77 -7.80
C THR A 287 1.85 2.30 -6.53
N CYS A 288 3.19 2.37 -6.50
CA CYS A 288 3.92 2.81 -5.33
C CYS A 288 4.59 4.17 -5.56
N ALA A 289 5.13 4.77 -4.51
CA ALA A 289 5.71 6.12 -4.61
C ALA A 289 6.88 6.24 -5.62
N THR A 290 6.76 7.17 -6.56
CA THR A 290 7.75 7.35 -7.58
C THR A 290 9.12 7.79 -7.06
N PRO A 291 9.17 8.89 -6.29
CA PRO A 291 10.52 9.35 -5.97
C PRO A 291 11.28 8.40 -5.06
N ILE A 292 10.57 7.68 -4.21
CA ILE A 292 11.19 6.69 -3.31
C ILE A 292 11.72 5.53 -4.15
N GLN A 293 10.92 5.05 -5.10
CA GLN A 293 11.41 3.97 -6.00
C GLN A 293 12.61 4.43 -6.86
N GLU A 294 12.57 5.70 -7.28
CA GLU A 294 13.69 6.28 -8.04
C GLU A 294 14.98 6.27 -7.19
N ALA A 295 14.87 6.74 -5.94
CA ALA A 295 16.00 6.75 -5.02
C ALA A 295 16.55 5.36 -4.75
N ILE A 296 15.67 4.40 -4.54
CA ILE A 296 16.08 3.01 -4.25
C ILE A 296 16.79 2.41 -5.49
N ALA A 297 16.28 2.76 -6.67
CA ALA A 297 16.90 2.31 -7.92
C ALA A 297 18.35 2.85 -8.02
N VAL A 298 18.53 4.11 -7.67
CA VAL A 298 19.85 4.75 -7.66
C VAL A 298 20.75 4.04 -6.61
N GLY A 299 20.19 3.73 -5.45
CA GLY A 299 20.88 2.92 -4.40
C GLY A 299 21.36 1.56 -4.91
N PHE A 300 20.49 0.84 -5.63
CA PHE A 300 20.89 -0.41 -6.25
C PHE A 300 21.96 -0.23 -7.34
N GLU A 301 21.81 0.77 -8.21
CA GLU A 301 22.81 1.00 -9.26
C GLU A 301 24.18 1.26 -8.62
N THR A 302 24.18 2.03 -7.54
CA THR A 302 25.43 2.34 -6.81
C THR A 302 26.12 1.05 -6.28
N GLU A 303 25.34 0.19 -5.64
CA GLU A 303 25.88 -1.06 -5.12
C GLU A 303 26.28 -2.00 -6.25
N LEU A 304 25.53 -1.97 -7.35
CA LEU A 304 25.78 -2.90 -8.44
C LEU A 304 27.17 -2.68 -9.06
N LYS A 305 27.65 -1.45 -9.01
CA LYS A 305 28.98 -1.13 -9.50
C LYS A 305 30.10 -1.67 -8.59
N ARG A 306 29.76 -2.10 -7.38
CA ARG A 306 30.81 -2.50 -6.42
C ARG A 306 30.47 -3.72 -5.59
N LEU A 307 29.76 -4.67 -6.22
CA LEU A 307 29.19 -5.78 -5.50
C LEU A 307 30.20 -6.60 -4.75
N LYS A 308 31.39 -6.73 -5.33
CA LYS A 308 32.42 -7.61 -4.74
C LYS A 308 33.31 -6.90 -3.76
N SER A 309 33.10 -5.60 -3.60
CA SER A 309 33.93 -4.82 -2.72
C SER A 309 33.37 -4.84 -1.28
N PRO A 310 34.29 -4.86 -0.29
CA PRO A 310 33.88 -4.87 1.11
C PRO A 310 33.01 -3.69 1.53
N GLU A 311 33.15 -2.53 0.88
CA GLU A 311 32.40 -1.34 1.28
C GLU A 311 31.01 -1.24 0.63
N CYS A 312 30.69 -2.14 -0.30
CA CYS A 312 29.31 -2.39 -0.70
C CYS A 312 28.46 -2.58 0.59
N TYR A 313 27.37 -1.85 0.72
CA TYR A 313 26.50 -1.99 1.92
C TYR A 313 25.90 -3.39 2.13
N PHE A 314 25.69 -4.14 1.06
CA PHE A 314 25.21 -5.51 1.18
C PHE A 314 26.27 -6.39 1.86
N ASN A 315 27.52 -5.95 1.72
CA ASN A 315 28.68 -6.68 2.25
C ASN A 315 29.15 -6.18 3.61
N SER A 316 29.00 -4.88 3.84
CA SER A 316 29.47 -4.24 5.05
C SER A 316 28.52 -4.27 6.24
N ILE A 317 27.22 -4.32 5.99
CA ILE A 317 26.24 -4.27 7.09
C ILE A 317 26.44 -5.41 8.11
N SER A 318 26.75 -6.61 7.64
CA SER A 318 27.01 -7.75 8.51
C SER A 318 28.10 -7.48 9.56
N GLY A 319 29.23 -6.92 9.17
CA GLY A 319 30.31 -6.65 10.16
C GLY A 319 29.94 -5.51 11.10
N GLU A 320 29.17 -4.56 10.57
CA GLU A 320 28.69 -3.44 11.38
C GLU A 320 27.78 -3.96 12.49
N LEU A 321 26.86 -4.85 12.12
CA LEU A 321 25.88 -5.38 13.06
C LEU A 321 26.52 -6.43 13.98
N MET A 322 27.58 -7.07 13.52
CA MET A 322 28.17 -8.21 14.29
C MET A 322 28.81 -7.76 15.61
N ALA A 323 29.50 -6.63 15.56
CA ALA A 323 30.05 -6.04 16.78
C ALA A 323 28.93 -5.76 17.79
N LYS A 324 27.77 -5.31 17.32
CA LYS A 324 26.62 -5.01 18.19
C LYS A 324 25.95 -6.26 18.74
N ARG A 325 25.81 -7.27 17.90
CA ARG A 325 25.24 -8.58 18.26
C ARG A 325 26.03 -9.13 19.45
N ASP A 326 27.35 -9.10 19.31
CA ASP A 326 28.26 -9.77 20.27
C ASP A 326 28.22 -9.03 21.60
N TYR A 327 28.11 -7.70 21.53
CA TYR A 327 28.01 -6.87 22.72
C TYR A 327 26.71 -7.18 23.47
N MET A 328 25.57 -7.15 22.76
CA MET A 328 24.27 -7.44 23.35
C MET A 328 24.23 -8.84 23.96
N ALA A 329 24.72 -9.83 23.20
CA ALA A 329 24.73 -11.22 23.67
C ALA A 329 25.48 -11.33 25.01
N SER A 330 26.57 -10.59 25.11
CA SER A 330 27.42 -10.56 26.29
C SER A 330 26.79 -9.87 27.52
N PHE A 331 26.16 -8.70 27.37
CA PHE A 331 25.48 -8.05 28.53
C PHE A 331 24.17 -8.75 28.94
N LEU A 332 23.50 -9.38 27.97
CA LEU A 332 22.31 -10.19 28.27
C LEU A 332 22.69 -11.40 29.16
N ALA A 333 23.80 -12.06 28.84
CA ALA A 333 24.30 -13.20 29.61
C ALA A 333 24.82 -12.78 30.98
N GLU A 334 25.54 -11.66 31.03
CA GLU A 334 26.06 -11.10 32.29
C GLU A 334 24.96 -10.81 33.32
N VAL A 335 23.85 -10.25 32.87
CA VAL A 335 22.70 -9.94 33.72
C VAL A 335 21.88 -11.21 34.07
N GLY A 336 22.25 -12.34 33.47
CA GLY A 336 21.61 -13.61 33.75
C GLY A 336 20.44 -13.96 32.84
N MET A 337 20.48 -13.47 31.60
CA MET A 337 19.52 -13.96 30.60
C MET A 337 20.22 -15.07 29.83
N ASN A 338 19.42 -15.93 29.19
CA ASN A 338 19.93 -16.98 28.32
C ASN A 338 19.78 -16.55 26.84
N PRO A 339 20.82 -15.92 26.25
CA PRO A 339 20.62 -15.41 24.88
C PRO A 339 20.84 -16.43 23.76
N THR A 340 19.97 -16.42 22.76
CA THR A 340 20.20 -17.12 21.48
C THR A 340 20.93 -16.16 20.53
N VAL A 341 22.18 -16.48 20.24
CA VAL A 341 23.03 -15.69 19.34
C VAL A 341 22.55 -15.90 17.88
N PRO A 342 22.11 -14.81 17.22
CA PRO A 342 21.55 -14.98 15.87
C PRO A 342 22.64 -15.22 14.81
N GLN A 343 22.32 -16.05 13.82
CA GLN A 343 23.21 -16.29 12.68
C GLN A 343 23.18 -15.13 11.70
N GLY A 344 22.07 -14.38 11.74
CA GLY A 344 21.79 -13.28 10.82
C GLY A 344 20.74 -12.34 11.41
N GLY A 345 20.67 -11.13 10.87
CA GLY A 345 19.66 -10.16 11.26
C GLY A 345 20.10 -9.32 12.44
N TYR A 346 19.16 -8.53 12.96
CA TYR A 346 19.48 -7.63 14.04
C TYR A 346 18.55 -7.77 15.23
N PHE A 347 17.94 -8.94 15.40
CA PHE A 347 17.14 -9.20 16.58
C PHE A 347 17.79 -10.32 17.39
N MET A 348 17.60 -10.25 18.70
CA MET A 348 18.11 -11.29 19.59
C MET A 348 17.03 -11.63 20.59
N VAL A 349 16.71 -12.91 20.65
CA VAL A 349 15.73 -13.46 21.60
C VAL A 349 16.52 -14.00 22.80
N ALA A 350 16.03 -13.76 24.01
CA ALA A 350 16.71 -14.27 25.21
C ALA A 350 15.70 -14.71 26.28
N ASP A 351 16.04 -15.77 27.01
CA ASP A 351 15.15 -16.27 28.07
C ASP A 351 15.30 -15.49 29.39
N TRP A 352 14.21 -14.82 29.79
CA TRP A 352 14.18 -13.98 31.00
C TRP A 352 13.44 -14.64 32.17
N SER A 353 13.28 -15.97 32.11
CA SER A 353 12.54 -16.69 33.15
C SER A 353 13.26 -16.62 34.51
N SER A 354 14.55 -16.96 34.50
CA SER A 354 15.39 -16.94 35.70
C SER A 354 15.66 -15.55 36.29
N LEU A 355 14.69 -14.66 36.17
CA LEU A 355 14.73 -13.37 36.86
C LEU A 355 13.28 -12.99 37.16
N ASP A 356 12.40 -13.98 37.13
CA ASP A 356 10.99 -13.71 37.39
C ASP A 356 10.81 -13.01 38.74
N SER A 357 11.58 -13.49 39.72
CA SER A 357 11.58 -12.91 41.06
C SER A 357 11.59 -11.38 40.93
N LYS A 358 12.57 -10.87 40.19
CA LYS A 358 12.86 -9.45 40.13
C LYS A 358 12.03 -8.69 39.09
N VAL A 359 10.69 -8.85 39.16
CA VAL A 359 9.71 -8.07 38.38
C VAL A 359 8.28 -8.10 38.94
N ASP A 360 7.57 -6.97 38.81
CA ASP A 360 6.16 -6.90 39.20
C ASP A 360 5.19 -6.73 38.03
N LEU A 361 4.70 -7.87 37.53
CA LEU A 361 3.71 -7.94 36.43
C LEU A 361 2.29 -7.78 36.97
N THR A 362 2.20 -7.40 38.26
CA THR A 362 0.94 -7.40 38.97
C THR A 362 0.12 -6.14 38.67
N GLN A 363 0.69 -5.25 37.86
CA GLN A 363 -0.02 -4.05 37.45
C GLN A 363 -0.51 -4.15 36.01
N GLU A 364 0.01 -5.14 35.29
CA GLU A 364 -0.32 -5.34 33.88
C GLU A 364 -1.46 -6.34 33.69
N THR A 365 -2.27 -6.05 32.68
CA THR A 365 -3.59 -6.65 32.53
C THR A 365 -3.71 -7.68 31.39
N ASP A 366 -2.72 -7.76 30.51
CA ASP A 366 -2.87 -8.65 29.35
C ASP A 366 -2.58 -10.13 29.61
N ALA A 367 -3.19 -10.96 28.76
CA ALA A 367 -3.28 -12.40 28.98
C ALA A 367 -1.90 -13.06 29.10
N ARG A 368 -0.94 -12.56 28.30
CA ARG A 368 0.32 -13.26 28.05
C ARG A 368 1.46 -12.71 28.91
N LYS A 369 2.17 -13.60 29.62
CA LYS A 369 3.23 -13.21 30.55
C LYS A 369 4.29 -12.26 29.98
N ASP A 370 4.62 -12.47 28.71
CA ASP A 370 5.67 -11.67 28.10
C ASP A 370 5.14 -10.30 27.62
N TYR A 371 3.84 -10.21 27.29
CA TYR A 371 3.23 -8.91 27.05
C TYR A 371 3.28 -8.10 28.34
N ARG A 372 2.94 -8.73 29.47
CA ARG A 372 2.98 -8.02 30.76
C ARG A 372 4.41 -7.52 31.06
N PHE A 373 5.42 -8.26 30.61
CA PHE A 373 6.84 -7.96 30.85
C PHE A 373 7.39 -6.77 30.05
N THR A 374 7.48 -6.94 28.72
CA THR A 374 7.69 -5.81 27.81
C THR A 374 6.93 -4.57 28.36
N LYS A 375 5.68 -4.78 28.75
CA LYS A 375 4.83 -3.71 29.26
C LYS A 375 5.42 -3.12 30.53
N TRP A 376 5.83 -3.99 31.46
CA TRP A 376 6.46 -3.54 32.70
C TRP A 376 7.72 -2.70 32.44
N MET A 377 8.68 -3.29 31.75
CA MET A 377 10.01 -2.73 31.50
C MET A 377 9.95 -1.39 30.76
N THR A 378 9.03 -1.28 29.82
CA THR A 378 8.83 -0.05 29.11
C THR A 378 8.38 1.12 30.03
N LYS A 379 7.28 0.94 30.78
CA LYS A 379 6.67 2.02 31.60
C LYS A 379 7.44 2.29 32.88
N SER A 380 8.09 1.22 33.37
CA SER A 380 8.78 1.22 34.66
C SER A 380 10.30 1.38 34.62
N VAL A 381 10.95 0.94 33.54
CA VAL A 381 12.41 0.97 33.56
C VAL A 381 13.02 1.65 32.32
N GLY A 382 12.15 1.98 31.37
CA GLY A 382 12.49 2.84 30.22
C GLY A 382 13.07 2.14 29.00
N LEU A 383 12.82 0.83 28.90
CA LEU A 383 13.43 -0.09 27.89
C LEU A 383 12.40 -1.02 27.28
N GLN A 384 12.05 -0.82 26.02
CA GLN A 384 11.03 -1.65 25.38
C GLN A 384 11.64 -2.66 24.40
N GLY A 385 11.11 -3.89 24.43
CA GLY A 385 11.37 -4.89 23.39
C GLY A 385 10.02 -5.39 22.88
N ILE A 386 10.01 -6.62 22.35
CA ILE A 386 8.81 -7.24 21.85
C ILE A 386 8.58 -8.59 22.55
N PRO A 387 7.34 -8.83 23.01
CA PRO A 387 6.94 -10.10 23.63
C PRO A 387 6.82 -11.19 22.55
N PRO A 388 7.71 -12.20 22.58
CA PRO A 388 7.74 -13.25 21.53
C PRO A 388 6.47 -14.16 21.40
N SER A 389 5.58 -14.13 22.40
CA SER A 389 4.23 -14.70 22.29
C SER A 389 3.47 -14.12 21.11
N ALA A 390 3.66 -12.83 20.82
CA ALA A 390 3.05 -12.22 19.63
C ALA A 390 3.29 -13.07 18.41
N PHE A 391 4.35 -13.87 18.46
CA PHE A 391 4.76 -14.61 17.28
C PHE A 391 4.45 -16.11 17.38
N TYR A 392 3.47 -16.47 18.20
CA TYR A 392 3.05 -17.87 18.29
C TYR A 392 1.54 -17.99 18.11
N SER A 393 1.10 -19.17 17.71
CA SER A 393 -0.35 -19.44 17.59
C SER A 393 -0.88 -19.57 19.00
N GLU A 394 -2.19 -19.33 19.17
CA GLU A 394 -2.73 -19.35 20.52
C GLU A 394 -2.25 -20.53 21.37
N PRO A 395 -2.39 -21.79 20.87
CA PRO A 395 -2.00 -22.98 21.68
C PRO A 395 -0.55 -23.09 22.04
N ASN A 396 0.30 -22.39 21.28
CA ASN A 396 1.75 -22.46 21.48
C ASN A 396 2.37 -21.21 22.10
N LYS A 397 1.59 -20.14 22.22
CA LYS A 397 2.08 -18.90 22.90
C LYS A 397 2.96 -19.16 24.12
N HIS A 398 2.71 -20.29 24.79
CA HIS A 398 3.45 -20.68 26.00
C HIS A 398 4.94 -20.93 25.79
N LEU A 399 5.33 -21.21 24.55
CA LEU A 399 6.75 -21.37 24.22
C LEU A 399 7.42 -19.99 24.11
N GLY A 400 6.62 -18.96 23.78
CA GLY A 400 7.10 -17.60 23.69
C GLY A 400 7.10 -16.82 24.99
N GLU A 401 6.40 -17.32 26.00
CA GLU A 401 6.19 -16.56 27.25
C GLU A 401 7.41 -16.37 28.19
N ASP A 402 8.43 -17.22 28.13
CA ASP A 402 9.68 -17.01 28.88
C ASP A 402 10.72 -16.11 28.16
N PHE A 403 10.32 -15.52 27.05
CA PHE A 403 11.32 -14.89 26.18
C PHE A 403 11.07 -13.43 25.98
N VAL A 404 12.08 -12.78 25.41
CA VAL A 404 12.03 -11.39 25.15
C VAL A 404 12.93 -11.17 23.92
N ARG A 405 12.47 -10.31 23.01
CA ARG A 405 13.23 -9.98 21.81
C ARG A 405 13.71 -8.55 21.91
N TYR A 406 15.01 -8.35 21.66
CA TYR A 406 15.61 -7.04 21.58
C TYR A 406 16.21 -6.82 20.19
N CYS A 407 16.20 -5.57 19.74
CA CYS A 407 16.94 -5.13 18.53
C CYS A 407 18.28 -4.48 18.90
N PHE A 408 19.36 -4.93 18.28
CA PHE A 408 20.68 -4.34 18.50
C PHE A 408 21.22 -3.41 17.38
N PHE A 409 20.33 -2.97 16.48
CA PHE A 409 20.72 -2.06 15.38
C PHE A 409 20.61 -0.67 15.96
N LYS A 410 21.49 -0.39 16.93
CA LYS A 410 21.42 0.83 17.73
C LYS A 410 22.86 1.41 17.93
N LYS A 411 22.97 2.72 18.15
CA LYS A 411 24.28 3.38 18.35
C LYS A 411 24.99 2.68 19.48
N ASP A 412 26.30 2.56 19.36
CA ASP A 412 27.09 1.90 20.40
C ASP A 412 26.79 2.48 21.78
N GLU A 413 26.64 3.79 21.89
CA GLU A 413 26.35 4.40 23.22
C GLU A 413 25.01 4.07 23.82
N ASN A 414 24.03 3.82 22.97
CA ASN A 414 22.71 3.39 23.45
C ASN A 414 22.69 1.96 23.87
N LEU A 415 23.49 1.15 23.18
CA LEU A 415 23.72 -0.23 23.60
C LEU A 415 24.42 -0.26 24.95
N GLN A 416 25.34 0.66 25.15
CA GLN A 416 26.00 0.77 26.43
C GLN A 416 25.06 1.26 27.52
N LYS A 417 24.12 2.16 27.18
CA LYS A 417 23.04 2.60 28.10
C LYS A 417 21.99 1.52 28.41
N ALA A 418 21.58 0.78 27.38
CA ALA A 418 20.56 -0.27 27.54
C ALA A 418 21.04 -1.34 28.49
N ALA A 419 22.33 -1.65 28.40
CA ALA A 419 22.94 -2.58 29.31
C ALA A 419 22.80 -2.06 30.75
N GLU A 420 23.01 -0.76 30.92
CA GLU A 420 22.99 -0.09 32.23
C GLU A 420 21.63 -0.18 32.88
N ILE A 421 20.59 0.16 32.11
CA ILE A 421 19.23 0.00 32.57
C ILE A 421 18.97 -1.41 33.09
N LEU A 422 19.44 -2.40 32.32
CA LEU A 422 19.30 -3.84 32.67
C LEU A 422 20.02 -4.12 33.98
N ARG A 423 21.26 -3.64 34.06
CA ARG A 423 22.02 -3.76 35.29
C ARG A 423 21.38 -3.02 36.49
N LYS A 424 20.81 -1.85 36.24
CA LYS A 424 20.22 -1.06 37.34
C LYS A 424 18.97 -1.72 37.94
N TRP A 425 18.29 -2.53 37.12
CA TRP A 425 17.06 -3.22 37.47
C TRP A 425 17.34 -4.62 38.04
N LYS A 426 18.35 -5.29 37.48
CA LYS A 426 18.70 -6.61 37.97
C LYS A 426 19.39 -6.47 39.32
N GLY A 427 20.34 -5.55 39.38
CA GLY A 427 21.23 -5.44 40.52
C GLY A 427 22.67 -5.62 40.08
N SER A 428 22.91 -5.32 38.79
CA SER A 428 24.27 -5.10 38.31
C SER A 428 24.52 -3.58 38.22
N SER A 429 23.81 -2.83 39.08
CA SER A 429 23.95 -1.38 39.32
C SER A 429 23.52 -0.47 38.17
N ASN B 11 -3.92 -26.64 -5.15
CA ASN B 11 -2.53 -26.56 -5.69
C ASN B 11 -2.49 -26.39 -7.19
N LYS B 12 -3.64 -26.22 -7.81
CA LYS B 12 -3.63 -25.46 -9.03
C LYS B 12 -3.48 -24.08 -8.44
N PHE B 13 -2.62 -23.30 -9.07
CA PHE B 13 -2.30 -21.98 -8.59
C PHE B 13 -3.05 -20.91 -9.38
N ASP B 14 -4.25 -21.31 -9.83
CA ASP B 14 -5.24 -20.40 -10.36
C ASP B 14 -5.60 -19.29 -9.36
N LEU B 15 -6.15 -18.21 -9.88
CA LEU B 15 -6.72 -17.17 -9.05
C LEU B 15 -7.75 -17.79 -8.12
N PRO B 16 -7.71 -17.41 -6.84
CA PRO B 16 -8.76 -17.76 -5.86
C PRO B 16 -10.09 -17.27 -6.37
N LYS B 17 -11.16 -17.94 -5.95
CA LYS B 17 -12.45 -17.66 -6.53
C LYS B 17 -12.82 -16.18 -6.48
N ARG B 18 -12.52 -15.50 -5.37
CA ARG B 18 -12.86 -14.06 -5.24
C ARG B 18 -12.23 -13.13 -6.28
N TYR B 19 -11.22 -13.64 -6.98
CA TYR B 19 -10.56 -12.94 -8.09
C TYR B 19 -10.82 -13.62 -9.44
N GLN B 20 -11.64 -14.67 -9.41
CA GLN B 20 -12.06 -15.38 -10.62
C GLN B 20 -12.27 -14.45 -11.82
N GLY B 21 -11.52 -14.71 -12.87
CA GLY B 21 -11.70 -14.01 -14.13
C GLY B 21 -11.16 -12.59 -14.15
N SER B 22 -10.36 -12.24 -13.14
CA SER B 22 -9.68 -10.94 -13.12
C SER B 22 -8.81 -10.80 -14.36
N THR B 23 -8.86 -9.62 -14.97
CA THR B 23 -7.98 -9.26 -16.06
C THR B 23 -7.21 -7.99 -15.65
N LYS B 24 -6.11 -7.69 -16.35
CA LYS B 24 -5.38 -6.41 -16.18
C LYS B 24 -6.32 -5.20 -16.32
N SER B 25 -6.14 -4.21 -15.46
CA SER B 25 -6.93 -3.00 -15.50
C SER B 25 -6.63 -2.13 -16.73
N VAL B 26 -7.51 -1.15 -16.99
CA VAL B 26 -7.23 -0.19 -18.06
C VAL B 26 -5.86 0.40 -17.85
N TRP B 27 -5.54 0.66 -16.60
CA TRP B 27 -4.38 1.45 -16.29
C TRP B 27 -3.17 0.64 -16.61
N VAL B 28 -3.15 -0.62 -16.22
CA VAL B 28 -1.97 -1.39 -16.64
C VAL B 28 -1.82 -1.44 -18.16
N GLU B 29 -2.92 -1.53 -18.89
CA GLU B 29 -2.91 -1.61 -20.37
C GLU B 29 -2.50 -0.28 -21.01
N TYR B 30 -3.08 0.82 -20.52
CA TYR B 30 -2.87 2.09 -21.20
C TYR B 30 -1.54 2.75 -20.80
N ILE B 31 -1.04 2.48 -19.59
CA ILE B 31 0.29 3.01 -19.16
C ILE B 31 1.33 2.34 -20.06
N GLN B 32 1.13 1.05 -20.29
CA GLN B 32 2.02 0.28 -21.12
C GLN B 32 1.95 0.77 -22.57
N LEU B 33 0.74 1.06 -23.03
CA LEU B 33 0.54 1.65 -24.38
C LEU B 33 1.24 3.02 -24.53
N ALA B 34 1.25 3.81 -23.46
CA ALA B 34 1.91 5.12 -23.47
C ALA B 34 3.44 4.97 -23.57
N ALA B 35 3.98 4.04 -22.80
CA ALA B 35 5.44 3.84 -22.78
C ALA B 35 5.91 3.35 -24.15
N GLN B 36 5.09 2.53 -24.78
CA GLN B 36 5.38 1.93 -26.09
C GLN B 36 5.32 2.92 -27.27
N TYR B 37 4.30 3.77 -27.33
CA TYR B 37 4.16 4.67 -28.50
C TYR B 37 4.57 6.11 -28.23
N LYS B 38 4.77 6.43 -26.95
CA LYS B 38 5.17 7.77 -26.53
C LYS B 38 4.30 8.89 -27.16
N PRO B 39 2.96 8.83 -26.96
CA PRO B 39 2.04 9.83 -27.53
C PRO B 39 1.98 11.07 -26.61
N LEU B 40 1.39 12.15 -27.08
CA LEU B 40 0.98 13.22 -26.16
C LEU B 40 -0.06 12.63 -25.21
N ASN B 41 0.33 12.48 -23.95
CA ASN B 41 -0.40 11.66 -22.98
C ASN B 41 -1.45 12.48 -22.21
N LEU B 42 -2.69 12.45 -22.68
CA LEU B 42 -3.82 13.13 -22.01
C LEU B 42 -4.77 12.07 -21.39
N GLY B 43 -4.19 10.91 -21.05
CA GLY B 43 -4.93 9.77 -20.51
C GLY B 43 -5.09 9.88 -19.00
N GLN B 44 -4.23 9.17 -18.30
CA GLN B 44 -4.23 9.11 -16.82
C GLN B 44 -4.02 10.51 -16.30
N GLY B 45 -4.69 10.85 -15.20
CA GLY B 45 -4.61 12.19 -14.59
C GLY B 45 -3.32 12.50 -13.82
N PHE B 46 -2.54 13.45 -14.33
CA PHE B 46 -1.36 14.00 -13.63
C PHE B 46 -0.95 15.29 -14.38
N PRO B 47 -0.36 16.26 -13.68
CA PRO B 47 0.14 17.47 -14.39
C PRO B 47 1.44 17.14 -15.10
N ASP B 48 1.69 17.79 -16.24
CA ASP B 48 2.99 17.68 -16.92
C ASP B 48 3.92 18.87 -16.61
N TYR B 49 3.69 19.46 -15.44
CA TYR B 49 4.55 20.52 -14.94
C TYR B 49 4.63 20.45 -13.42
N HIS B 50 5.58 21.19 -12.84
CA HIS B 50 5.84 21.14 -11.39
C HIS B 50 4.67 21.50 -10.48
N ALA B 51 4.56 20.71 -9.39
CA ALA B 51 3.59 20.90 -8.31
C ALA B 51 4.10 22.02 -7.40
N PRO B 52 3.33 22.41 -6.35
CA PRO B 52 3.79 23.46 -5.42
C PRO B 52 5.20 23.25 -4.87
N LYS B 53 6.07 24.22 -5.09
CA LYS B 53 7.44 24.13 -4.59
C LYS B 53 7.52 23.83 -3.10
N TYR B 54 6.58 24.34 -2.31
CA TYR B 54 6.73 24.20 -0.85
C TYR B 54 6.64 22.72 -0.44
N ALA B 55 5.91 21.96 -1.26
CA ALA B 55 5.76 20.51 -1.06
C ALA B 55 7.01 19.77 -1.47
N LEU B 56 7.56 20.05 -2.66
CA LEU B 56 8.75 19.38 -3.14
C LEU B 56 9.92 19.65 -2.20
N ASN B 57 10.08 20.91 -1.83
CA ASN B 57 11.05 21.31 -0.82
C ASN B 57 10.94 20.54 0.49
N ALA B 58 9.70 20.31 0.95
CA ALA B 58 9.49 19.59 2.20
C ALA B 58 9.93 18.14 2.10
N LEU B 59 9.77 17.52 0.93
CA LEU B 59 10.28 16.15 0.77
C LEU B 59 11.82 16.06 0.73
N ALA B 60 12.46 16.94 -0.03
CA ALA B 60 13.93 17.07 0.05
C ALA B 60 14.44 17.30 1.49
N ALA B 61 13.77 18.19 2.24
CA ALA B 61 14.09 18.43 3.65
C ALA B 61 13.95 17.17 4.55
N ALA B 62 12.87 16.39 4.39
CA ALA B 62 12.74 15.15 5.13
C ALA B 62 13.86 14.13 4.77
N ALA B 63 14.18 14.02 3.49
CA ALA B 63 15.30 13.18 3.01
C ALA B 63 16.64 13.59 3.66
N ASN B 64 16.85 14.90 3.74
CA ASN B 64 18.05 15.56 4.30
C ASN B 64 18.02 15.80 5.82
N SER B 65 16.98 15.33 6.50
CA SER B 65 16.74 15.67 7.90
C SER B 65 17.87 15.15 8.76
N PRO B 66 18.29 15.91 9.79
CA PRO B 66 19.25 15.40 10.76
C PRO B 66 18.63 14.49 11.81
N ASP B 67 17.30 14.35 11.76
CA ASP B 67 16.54 13.51 12.64
C ASP B 67 16.60 12.10 12.07
N PRO B 68 17.24 11.17 12.82
CA PRO B 68 17.38 9.80 12.33
C PRO B 68 16.04 9.05 12.18
N LEU B 69 15.02 9.49 12.88
CA LEU B 69 13.64 8.94 12.80
C LEU B 69 12.86 9.44 11.57
N ALA B 70 13.36 10.46 10.88
CA ALA B 70 12.69 11.01 9.69
C ALA B 70 12.47 10.00 8.54
N ASN B 71 13.36 9.02 8.44
CA ASN B 71 13.28 8.04 7.39
C ASN B 71 13.10 6.61 7.90
N GLN B 72 12.72 6.50 9.16
CA GLN B 72 12.36 5.22 9.77
C GLN B 72 10.84 5.10 9.96
N TYR B 73 10.34 3.89 10.28
CA TYR B 73 8.90 3.66 10.48
C TYR B 73 8.18 4.74 11.28
N THR B 74 7.00 5.15 10.81
CA THR B 74 6.15 6.02 11.61
C THR B 74 4.85 5.25 11.94
N ARG B 75 3.99 5.91 12.71
CA ARG B 75 2.77 5.37 13.29
C ARG B 75 1.92 4.75 12.16
N GLY B 76 1.48 3.49 12.37
CA GLY B 76 0.75 2.75 11.34
C GLY B 76 -0.55 3.38 10.81
N PHE B 77 -1.37 3.98 11.67
CA PHE B 77 -2.63 4.62 11.19
C PHE B 77 -2.38 6.01 10.62
N GLY B 78 -1.13 6.44 10.67
CA GLY B 78 -0.73 7.68 10.04
C GLY B 78 0.28 8.46 10.86
N HIS B 79 1.19 9.11 10.16
CA HIS B 79 2.23 9.93 10.75
C HIS B 79 1.59 11.04 11.62
N PRO B 80 1.98 11.15 12.91
CA PRO B 80 1.35 12.11 13.83
C PRO B 80 1.20 13.53 13.28
N ARG B 81 2.27 14.07 12.70
CA ARG B 81 2.18 15.44 12.19
C ARG B 81 1.14 15.55 11.03
N LEU B 82 1.03 14.52 10.22
CA LEU B 82 0.05 14.57 9.12
C LEU B 82 -1.39 14.47 9.66
N VAL B 83 -1.66 13.52 10.54
CA VAL B 83 -3.08 13.32 11.03
C VAL B 83 -3.57 14.55 11.80
N GLN B 84 -2.63 15.19 12.52
CA GLN B 84 -2.96 16.41 13.22
C GLN B 84 -3.35 17.48 12.19
N ALA B 85 -2.60 17.57 11.08
CA ALA B 85 -2.88 18.62 10.04
C ALA B 85 -4.21 18.34 9.32
N LEU B 86 -4.42 17.07 9.01
CA LEU B 86 -5.66 16.59 8.41
C LEU B 86 -6.90 16.89 9.30
N SER B 87 -6.84 16.55 10.58
CA SER B 87 -7.93 16.90 11.50
C SER B 87 -8.17 18.42 11.65
N LYS B 88 -7.10 19.23 11.69
CA LYS B 88 -7.23 20.70 11.75
C LYS B 88 -8.02 21.26 10.58
N LEU B 89 -7.64 20.84 9.37
CA LEU B 89 -8.30 21.26 8.14
C LEU B 89 -9.75 20.75 8.09
N TYR B 90 -9.92 19.43 8.14
CA TYR B 90 -11.25 18.84 7.94
C TYR B 90 -12.27 19.18 9.05
N SER B 91 -11.76 19.41 10.24
CA SER B 91 -12.56 19.86 11.39
C SER B 91 -13.25 21.19 11.07
N GLN B 92 -12.50 22.11 10.44
CA GLN B 92 -13.04 23.39 9.96
C GLN B 92 -14.06 23.17 8.83
N LEU B 93 -13.69 22.31 7.89
CA LEU B 93 -14.50 22.06 6.71
C LEU B 93 -15.84 21.36 6.97
N VAL B 94 -15.83 20.45 7.92
CA VAL B 94 -17.03 19.69 8.28
C VAL B 94 -17.67 20.25 9.55
N ASP B 95 -17.03 21.24 10.18
CA ASP B 95 -17.56 21.91 11.38
C ASP B 95 -17.90 20.93 12.52
N ARG B 96 -16.97 20.04 12.82
CA ARG B 96 -16.98 19.29 14.08
C ARG B 96 -15.54 18.99 14.41
N THR B 97 -15.27 18.55 15.63
CA THR B 97 -13.87 18.28 15.95
C THR B 97 -13.54 16.83 15.70
N ILE B 98 -12.72 16.61 14.68
CA ILE B 98 -12.38 15.27 14.24
C ILE B 98 -11.15 14.84 14.99
N ASN B 99 -11.23 13.68 15.60
CA ASN B 99 -10.14 13.16 16.42
C ASN B 99 -9.05 12.63 15.47
N PRO B 100 -7.84 13.24 15.51
CA PRO B 100 -6.82 12.80 14.53
C PRO B 100 -6.32 11.36 14.72
N MET B 101 -6.49 10.78 15.93
CA MET B 101 -6.03 9.39 16.21
C MET B 101 -7.03 8.29 15.85
N THR B 102 -8.31 8.57 16.01
CA THR B 102 -9.37 7.58 15.83
C THR B 102 -10.27 7.76 14.59
N GLU B 103 -10.32 8.97 14.04
CA GLU B 103 -11.27 9.35 12.99
C GLU B 103 -10.59 9.76 11.66
N VAL B 104 -9.28 9.51 11.60
CA VAL B 104 -8.48 9.70 10.40
C VAL B 104 -7.59 8.46 10.25
N LEU B 105 -7.53 7.93 9.02
CA LEU B 105 -6.60 6.87 8.68
C LEU B 105 -5.85 7.28 7.44
N VAL B 106 -4.52 7.28 7.50
CA VAL B 106 -3.73 7.63 6.31
C VAL B 106 -3.43 6.34 5.56
N THR B 107 -3.50 6.41 4.24
CA THR B 107 -3.44 5.25 3.38
C THR B 107 -2.54 5.45 2.15
N VAL B 108 -2.24 4.36 1.43
CA VAL B 108 -1.50 4.43 0.16
C VAL B 108 -2.36 4.86 -1.01
N GLY B 109 -2.51 6.19 -1.10
CA GLY B 109 -3.39 6.83 -2.06
C GLY B 109 -4.83 6.73 -1.60
N ALA B 110 -5.73 7.43 -2.30
CA ALA B 110 -7.13 7.12 -2.18
C ALA B 110 -7.39 5.66 -2.54
N TYR B 111 -6.54 5.07 -3.39
CA TYR B 111 -6.73 3.63 -3.72
C TYR B 111 -6.83 2.73 -2.48
N GLU B 112 -5.85 2.81 -1.59
CA GLU B 112 -5.89 1.91 -0.42
C GLU B 112 -6.96 2.34 0.59
N ALA B 113 -7.36 3.62 0.55
CA ALA B 113 -8.42 4.01 1.48
C ALA B 113 -9.73 3.32 1.04
N LEU B 114 -9.94 3.32 -0.27
CA LEU B 114 -11.11 2.65 -0.90
C LEU B 114 -11.05 1.13 -0.61
N TYR B 115 -9.85 0.57 -0.78
CA TYR B 115 -9.60 -0.81 -0.50
C TYR B 115 -9.91 -1.17 0.96
N ALA B 116 -9.38 -0.40 1.91
CA ALA B 116 -9.54 -0.71 3.32
C ALA B 116 -11.01 -0.50 3.71
N THR B 117 -11.69 0.43 3.05
CA THR B 117 -13.10 0.69 3.34
C THR B 117 -14.02 -0.43 2.83
N ILE B 118 -13.75 -0.87 1.62
CA ILE B 118 -14.55 -1.91 1.00
C ILE B 118 -14.27 -3.26 1.70
N GLN B 119 -13.00 -3.62 1.88
CA GLN B 119 -12.69 -4.85 2.59
C GLN B 119 -13.21 -4.83 4.02
N GLY B 120 -13.25 -3.62 4.58
CA GLY B 120 -13.65 -3.41 5.96
C GLY B 120 -15.14 -3.49 6.24
N HIS B 121 -15.98 -3.15 5.25
CA HIS B 121 -17.42 -3.08 5.47
C HIS B 121 -18.24 -3.91 4.47
N VAL B 122 -17.59 -4.60 3.55
CA VAL B 122 -18.32 -5.43 2.62
C VAL B 122 -18.05 -6.92 2.91
N ASP B 123 -19.12 -7.65 3.26
CA ASP B 123 -19.06 -9.09 3.50
C ASP B 123 -19.77 -9.89 2.39
N GLU B 124 -19.68 -11.22 2.45
CA GLU B 124 -20.25 -12.08 1.46
C GLU B 124 -21.73 -11.77 1.32
N GLY B 125 -22.16 -11.46 0.09
CA GLY B 125 -23.59 -11.26 -0.21
C GLY B 125 -24.13 -9.86 0.03
N ASP B 126 -23.33 -9.00 0.68
CA ASP B 126 -23.69 -7.58 0.86
C ASP B 126 -23.88 -6.86 -0.49
N GLU B 127 -24.97 -6.11 -0.65
CA GLU B 127 -25.10 -5.32 -1.90
C GLU B 127 -24.45 -3.95 -1.76
N VAL B 128 -23.80 -3.52 -2.83
CA VAL B 128 -23.17 -2.19 -2.84
C VAL B 128 -23.63 -1.44 -4.09
N ILE B 129 -24.21 -0.29 -3.89
CA ILE B 129 -24.60 0.43 -5.08
C ILE B 129 -23.49 1.39 -5.61
N ILE B 130 -23.25 1.26 -6.91
CA ILE B 130 -22.22 1.97 -7.64
C ILE B 130 -22.90 2.79 -8.76
N ILE B 131 -22.58 4.09 -8.82
CA ILE B 131 -23.09 4.96 -9.86
C ILE B 131 -22.16 4.94 -11.08
N GLU B 132 -22.68 4.52 -12.24
CA GLU B 132 -21.93 4.59 -13.51
C GLU B 132 -22.08 5.93 -14.23
N PRO B 133 -21.06 6.32 -15.02
CA PRO B 133 -19.71 5.70 -15.08
C PRO B 133 -18.98 5.87 -13.73
N PHE B 134 -18.25 4.83 -13.28
CA PHE B 134 -17.61 4.85 -11.97
C PHE B 134 -16.10 4.73 -12.10
N PHE B 135 -15.38 5.41 -11.21
CA PHE B 135 -13.93 5.16 -11.10
C PHE B 135 -13.70 3.66 -11.05
N ASP B 136 -12.87 3.13 -11.95
CA ASP B 136 -12.95 1.71 -12.28
C ASP B 136 -12.64 0.70 -11.16
N CYS B 137 -11.86 1.10 -10.15
CA CYS B 137 -11.54 0.14 -9.06
C CYS B 137 -12.74 -0.30 -8.20
N TYR B 138 -13.85 0.45 -8.23
CA TYR B 138 -14.92 0.23 -7.28
C TYR B 138 -15.44 -1.19 -7.45
N GLU B 139 -15.73 -1.58 -8.69
CA GLU B 139 -16.31 -2.90 -8.98
C GLU B 139 -15.45 -4.09 -8.58
N PRO B 140 -14.18 -4.17 -9.06
CA PRO B 140 -13.33 -5.28 -8.57
C PRO B 140 -13.06 -5.33 -7.08
N MET B 141 -13.03 -4.19 -6.38
CA MET B 141 -12.83 -4.19 -4.92
C MET B 141 -14.05 -4.79 -4.20
N VAL B 142 -15.25 -4.31 -4.54
CA VAL B 142 -16.52 -4.92 -4.06
C VAL B 142 -16.53 -6.42 -4.39
N LYS B 143 -16.26 -6.79 -5.64
CA LYS B 143 -16.28 -8.23 -5.97
C LYS B 143 -15.29 -9.06 -5.18
N ALA B 144 -14.09 -8.51 -4.95
CA ALA B 144 -13.06 -9.23 -4.16
C ALA B 144 -13.45 -9.43 -2.72
N ALA B 145 -14.29 -8.51 -2.19
CA ALA B 145 -14.73 -8.62 -0.81
C ALA B 145 -15.99 -9.48 -0.68
N GLY B 146 -16.48 -10.00 -1.81
CA GLY B 146 -17.66 -10.91 -1.83
C GLY B 146 -18.99 -10.21 -1.96
N GLY B 147 -18.96 -8.95 -2.35
CA GLY B 147 -20.17 -8.18 -2.42
C GLY B 147 -20.83 -8.27 -3.77
N ILE B 148 -22.01 -7.68 -3.86
CA ILE B 148 -22.81 -7.74 -5.05
C ILE B 148 -23.05 -6.32 -5.51
N PRO B 149 -22.36 -5.91 -6.60
CA PRO B 149 -22.52 -4.55 -6.99
C PRO B 149 -23.90 -4.38 -7.64
N ARG B 150 -24.51 -3.22 -7.38
CA ARG B 150 -25.75 -2.87 -8.04
C ARG B 150 -25.53 -1.51 -8.70
N PHE B 151 -25.68 -1.44 -10.02
CA PHE B 151 -25.33 -0.25 -10.79
C PHE B 151 -26.50 0.63 -11.22
N ILE B 152 -26.28 1.94 -11.23
CA ILE B 152 -27.22 2.90 -11.82
C ILE B 152 -26.44 3.95 -12.63
N PRO B 153 -26.78 4.11 -13.93
CA PRO B 153 -26.03 5.06 -14.73
C PRO B 153 -26.55 6.48 -14.65
N LEU B 154 -25.61 7.42 -14.62
CA LEU B 154 -25.91 8.83 -14.93
C LEU B 154 -26.12 8.98 -16.45
N LYS B 155 -27.10 9.76 -16.85
CA LYS B 155 -27.39 9.95 -18.27
C LYS B 155 -27.64 11.42 -18.58
N PRO B 156 -27.21 11.86 -19.76
CA PRO B 156 -27.32 13.28 -20.09
C PRO B 156 -28.76 13.59 -20.42
N ASN B 157 -29.27 14.71 -19.89
CA ASN B 157 -30.63 15.11 -20.24
C ASN B 157 -30.66 16.17 -21.35
N LYS B 158 -29.55 16.27 -22.08
CA LYS B 158 -29.44 17.17 -23.24
C LYS B 158 -28.61 16.47 -24.32
N THR B 159 -28.89 16.76 -25.59
CA THR B 159 -28.10 16.17 -26.68
C THR B 159 -27.48 17.19 -27.66
N GLY B 160 -26.39 16.78 -28.31
CA GLY B 160 -25.66 17.63 -29.27
C GLY B 160 -24.88 18.77 -28.64
N GLY B 161 -24.01 19.39 -29.45
CA GLY B 161 -23.19 20.54 -29.02
C GLY B 161 -22.34 20.28 -27.78
N THR B 162 -22.19 21.29 -26.93
CA THR B 162 -21.60 21.09 -25.60
C THR B 162 -22.67 21.23 -24.50
N ILE B 163 -22.68 20.22 -23.64
CA ILE B 163 -23.55 20.19 -22.48
C ILE B 163 -22.68 20.34 -21.23
N SER B 164 -23.29 20.23 -20.06
CA SER B 164 -22.60 20.40 -18.81
C SER B 164 -22.70 19.08 -18.03
N SER B 165 -21.76 18.83 -17.12
CA SER B 165 -21.81 17.60 -16.33
C SER B 165 -23.04 17.59 -15.41
N ALA B 166 -23.58 18.79 -15.14
CA ALA B 166 -24.82 18.97 -14.37
C ALA B 166 -26.00 18.27 -15.04
N ASP B 167 -25.96 18.22 -16.37
CA ASP B 167 -26.99 17.56 -17.22
C ASP B 167 -26.99 16.05 -17.12
N TRP B 168 -25.87 15.47 -16.66
CA TRP B 168 -25.80 14.02 -16.38
C TRP B 168 -26.44 13.68 -15.06
N VAL B 169 -27.58 12.98 -15.10
CA VAL B 169 -28.40 12.78 -13.90
C VAL B 169 -28.86 11.33 -13.71
N LEU B 170 -29.08 10.97 -12.46
CA LEU B 170 -29.73 9.71 -12.05
C LEU B 170 -31.25 9.84 -12.18
N ASP B 171 -31.88 8.72 -12.54
CA ASP B 171 -33.33 8.53 -12.35
C ASP B 171 -33.58 8.17 -10.89
N ASN B 172 -34.22 9.08 -10.15
CA ASN B 172 -34.36 8.88 -8.70
C ASN B 172 -35.26 7.71 -8.32
N ASN B 173 -36.19 7.34 -9.20
CA ASN B 173 -37.03 6.17 -8.94
C ASN B 173 -36.21 4.90 -9.07
N GLU B 174 -35.36 4.87 -10.10
CA GLU B 174 -34.42 3.79 -10.34
C GLU B 174 -33.46 3.67 -9.16
N LEU B 175 -33.00 4.80 -8.64
CA LEU B 175 -32.10 4.83 -7.48
C LEU B 175 -32.79 4.31 -6.21
N GLU B 176 -34.01 4.79 -5.94
CA GLU B 176 -34.80 4.28 -4.81
C GLU B 176 -34.95 2.76 -4.90
N ALA B 177 -35.21 2.27 -6.11
CA ALA B 177 -35.48 0.86 -6.34
C ALA B 177 -34.34 -0.05 -5.89
N LEU B 178 -33.10 0.45 -5.95
CA LEU B 178 -31.90 -0.34 -5.63
C LEU B 178 -31.75 -0.59 -4.14
N PHE B 179 -32.36 0.26 -3.34
CA PHE B 179 -32.21 0.14 -1.90
C PHE B 179 -33.18 -0.89 -1.37
N ASN B 180 -32.62 -1.83 -0.63
CA ASN B 180 -33.37 -2.91 -0.01
C ASN B 180 -32.66 -3.33 1.27
N GLU B 181 -33.13 -4.39 1.93
CA GLU B 181 -32.53 -4.79 3.19
C GLU B 181 -31.11 -5.40 3.04
N LYS B 182 -30.71 -5.78 1.82
CA LYS B 182 -29.37 -6.32 1.56
C LYS B 182 -28.33 -5.23 1.25
N THR B 183 -28.80 -4.01 0.98
CA THR B 183 -27.92 -2.88 0.68
C THR B 183 -27.07 -2.54 1.90
N LYS B 184 -25.74 -2.63 1.72
CA LYS B 184 -24.75 -2.39 2.76
C LYS B 184 -24.11 -1.00 2.65
N MET B 185 -23.89 -0.58 1.41
CA MET B 185 -23.01 0.55 1.06
C MET B 185 -23.46 1.15 -0.23
N ILE B 186 -23.33 2.48 -0.35
CA ILE B 186 -23.38 3.15 -1.65
C ILE B 186 -22.09 3.97 -1.80
N ILE B 187 -21.48 3.94 -2.97
CA ILE B 187 -20.25 4.70 -3.15
C ILE B 187 -20.62 5.87 -4.05
N ILE B 188 -20.36 7.09 -3.62
CA ILE B 188 -20.54 8.27 -4.46
C ILE B 188 -19.16 8.87 -4.70
N ASN B 189 -19.03 9.60 -5.79
CA ASN B 189 -17.73 10.21 -6.15
C ASN B 189 -17.99 11.61 -6.66
N THR B 190 -17.62 12.60 -5.86
CA THR B 190 -17.85 13.99 -6.25
C THR B 190 -16.68 14.86 -5.74
N PRO B 191 -16.11 15.72 -6.61
CA PRO B 191 -16.37 15.78 -8.04
C PRO B 191 -16.09 14.44 -8.72
N HIS B 192 -16.83 14.19 -9.79
CA HIS B 192 -16.90 12.87 -10.42
C HIS B 192 -15.83 12.63 -11.47
N ASN B 193 -15.30 11.41 -11.47
CA ASN B 193 -14.43 10.88 -12.50
C ASN B 193 -15.23 9.76 -13.20
N PRO B 194 -15.43 9.83 -14.53
CA PRO B 194 -14.87 10.73 -15.53
C PRO B 194 -15.62 12.01 -15.92
N LEU B 195 -16.82 12.25 -15.41
CA LEU B 195 -17.64 13.38 -15.94
C LEU B 195 -17.28 14.78 -15.47
N GLY B 196 -16.80 14.92 -14.24
CA GLY B 196 -16.60 16.24 -13.65
C GLY B 196 -17.80 16.79 -12.90
N LYS B 197 -18.91 16.05 -12.90
CA LYS B 197 -20.12 16.37 -12.13
C LYS B 197 -19.90 16.60 -10.64
N VAL B 198 -20.35 17.75 -10.16
CA VAL B 198 -20.41 17.97 -8.74
C VAL B 198 -21.85 17.92 -8.29
N MET B 199 -22.11 17.02 -7.35
CA MET B 199 -23.45 16.77 -6.89
C MET B 199 -23.93 17.99 -6.12
N ASP B 200 -25.14 18.45 -6.41
CA ASP B 200 -25.64 19.63 -5.71
C ASP B 200 -26.33 19.18 -4.44
N ARG B 201 -26.78 20.10 -3.61
CA ARG B 201 -27.36 19.75 -2.33
C ARG B 201 -28.57 18.82 -2.46
N ALA B 202 -29.41 19.06 -3.49
CA ALA B 202 -30.59 18.20 -3.71
C ALA B 202 -30.18 16.75 -4.03
N GLU B 203 -29.14 16.61 -4.84
CA GLU B 203 -28.65 15.29 -5.23
C GLU B 203 -28.06 14.59 -4.03
N LEU B 204 -27.30 15.31 -3.22
CA LEU B 204 -26.77 14.69 -2.02
C LEU B 204 -27.91 14.30 -1.10
N GLU B 205 -28.97 15.12 -1.09
CA GLU B 205 -30.07 14.88 -0.20
C GLU B 205 -30.76 13.61 -0.56
N VAL B 206 -30.98 13.38 -1.85
CA VAL B 206 -31.58 12.13 -2.32
C VAL B 206 -30.81 10.91 -1.79
N VAL B 207 -29.48 10.96 -1.86
CA VAL B 207 -28.63 9.83 -1.44
C VAL B 207 -28.67 9.68 0.05
N ALA B 208 -28.52 10.79 0.75
CA ALA B 208 -28.48 10.81 2.21
C ALA B 208 -29.80 10.30 2.78
N ASN B 209 -30.91 10.75 2.18
CA ASN B 209 -32.23 10.36 2.71
C ASN B 209 -32.44 8.84 2.59
N LEU B 210 -32.01 8.26 1.49
CA LEU B 210 -32.06 6.80 1.34
C LEU B 210 -31.14 6.05 2.31
N CYS B 211 -29.93 6.59 2.57
CA CYS B 211 -29.01 5.93 3.48
C CYS B 211 -29.58 5.88 4.88
N LYS B 212 -30.24 6.97 5.27
CA LYS B 212 -30.82 7.03 6.59
C LYS B 212 -32.02 6.11 6.67
N LYS B 213 -32.83 6.08 5.61
CA LYS B 213 -34.01 5.20 5.64
C LYS B 213 -33.62 3.72 5.69
N TRP B 214 -32.59 3.35 4.92
CA TRP B 214 -32.23 1.95 4.74
C TRP B 214 -31.00 1.51 5.57
N ASN B 215 -30.53 2.40 6.42
CA ASN B 215 -29.33 2.14 7.25
C ASN B 215 -28.15 1.68 6.39
N VAL B 216 -27.83 2.46 5.37
CA VAL B 216 -26.64 2.16 4.57
C VAL B 216 -25.45 3.11 4.81
N LEU B 217 -24.24 2.58 4.62
CA LEU B 217 -22.99 3.33 4.70
C LEU B 217 -22.70 4.11 3.42
N CYS B 218 -22.52 5.43 3.53
CA CYS B 218 -22.14 6.21 2.36
C CYS B 218 -20.63 6.35 2.37
N VAL B 219 -20.02 5.91 1.27
CA VAL B 219 -18.58 6.16 1.04
C VAL B 219 -18.45 7.26 -0.04
N SER B 220 -17.83 8.37 0.33
CA SER B 220 -17.74 9.54 -0.55
C SER B 220 -16.27 9.76 -0.98
N ASP B 221 -16.02 9.45 -2.25
CA ASP B 221 -14.71 9.61 -2.88
C ASP B 221 -14.59 11.02 -3.37
N GLU B 222 -13.90 11.83 -2.55
CA GLU B 222 -13.80 13.26 -2.73
C GLU B 222 -12.40 13.72 -3.07
N VAL B 223 -11.64 12.93 -3.80
CA VAL B 223 -10.27 13.30 -4.11
C VAL B 223 -10.18 14.66 -4.79
N TYR B 224 -11.21 15.02 -5.58
CA TYR B 224 -11.16 16.24 -6.37
C TYR B 224 -11.84 17.40 -5.69
N GLU B 225 -11.98 17.29 -4.38
CA GLU B 225 -12.70 18.26 -3.59
C GLU B 225 -12.29 19.72 -3.80
N HIS B 226 -11.00 19.98 -4.07
CA HIS B 226 -10.53 21.38 -4.24
C HIS B 226 -10.63 21.95 -5.66
N MET B 227 -11.12 21.13 -6.57
CA MET B 227 -11.05 21.45 -7.97
C MET B 227 -12.40 21.83 -8.63
N VAL B 228 -13.31 22.41 -7.86
CA VAL B 228 -14.63 22.79 -8.40
C VAL B 228 -14.53 24.19 -9.02
N PHE B 229 -15.16 24.36 -10.16
CA PHE B 229 -15.08 25.61 -10.93
C PHE B 229 -16.25 26.54 -10.56
N GLU B 230 -16.00 27.85 -10.48
CA GLU B 230 -17.11 28.80 -10.33
C GLU B 230 -18.11 28.60 -11.49
N PRO B 231 -19.43 28.72 -11.23
CA PRO B 231 -20.01 29.14 -9.94
C PRO B 231 -20.47 27.97 -9.07
N PHE B 232 -19.91 26.79 -9.28
CA PHE B 232 -20.28 25.61 -8.48
C PHE B 232 -19.50 25.47 -7.17
N GLU B 233 -19.91 24.52 -6.33
CA GLU B 233 -19.36 24.43 -4.98
C GLU B 233 -19.28 23.00 -4.51
N HIS B 234 -18.12 22.58 -4.01
CA HIS B 234 -18.04 21.23 -3.42
C HIS B 234 -18.80 21.21 -2.12
N ILE B 235 -19.80 20.33 -2.00
CA ILE B 235 -20.45 20.09 -0.71
C ILE B 235 -20.06 18.72 -0.18
N ARG B 236 -19.70 18.64 1.10
CA ARG B 236 -19.42 17.35 1.75
C ARG B 236 -20.65 16.65 2.35
N ILE B 237 -21.01 15.50 1.80
CA ILE B 237 -22.18 14.72 2.29
C ILE B 237 -22.12 14.34 3.77
N CYS B 238 -20.92 14.17 4.35
CA CYS B 238 -20.82 13.87 5.78
C CYS B 238 -21.32 15.02 6.66
N THR B 239 -21.66 16.13 6.01
CA THR B 239 -22.04 17.37 6.64
C THR B 239 -23.62 17.48 6.71
N LEU B 240 -24.30 16.64 5.94
CA LEU B 240 -25.76 16.61 5.90
C LEU B 240 -26.31 16.01 7.18
N PRO B 241 -27.56 16.36 7.54
CA PRO B 241 -28.13 15.95 8.82
C PRO B 241 -28.06 14.44 9.00
N GLY B 242 -27.55 14.00 10.14
CA GLY B 242 -27.48 12.58 10.44
C GLY B 242 -26.48 11.78 9.61
N MET B 243 -25.75 12.44 8.73
CA MET B 243 -24.83 11.71 7.87
C MET B 243 -23.44 11.38 8.44
N TRP B 244 -22.97 12.10 9.44
CA TRP B 244 -21.64 11.85 9.97
C TRP B 244 -21.50 10.42 10.46
N GLU B 245 -22.54 9.92 11.12
CA GLU B 245 -22.47 8.64 11.81
C GLU B 245 -22.42 7.49 10.78
N ARG B 246 -22.71 7.80 9.52
CA ARG B 246 -22.81 6.77 8.52
C ARG B 246 -22.09 7.08 7.20
N THR B 247 -21.02 7.89 7.27
CA THR B 247 -20.28 8.29 6.12
C THR B 247 -18.79 8.10 6.34
N ILE B 248 -18.12 7.60 5.31
CA ILE B 248 -16.66 7.61 5.26
C ILE B 248 -16.27 8.43 4.07
N THR B 249 -15.39 9.41 4.29
CA THR B 249 -15.01 10.33 3.24
C THR B 249 -13.51 10.16 2.94
N ILE B 250 -13.20 10.17 1.64
CA ILE B 250 -11.84 9.88 1.15
C ILE B 250 -11.22 11.04 0.40
N GLY B 251 -9.91 11.23 0.61
CA GLY B 251 -9.14 12.26 -0.13
C GLY B 251 -7.77 11.72 -0.45
N SER B 252 -7.05 12.49 -1.26
CA SER B 252 -5.75 12.11 -1.76
C SER B 252 -4.80 13.30 -1.86
N ALA B 253 -3.62 13.14 -1.29
CA ALA B 253 -2.58 14.17 -1.34
C ALA B 253 -2.07 14.28 -2.78
N GLY B 254 -2.13 13.18 -3.51
CA GLY B 254 -1.75 13.18 -4.91
C GLY B 254 -2.62 14.17 -5.67
N LYS B 255 -3.90 14.28 -5.28
CA LYS B 255 -4.82 15.21 -5.98
C LYS B 255 -4.84 16.61 -5.35
N THR B 256 -4.81 16.65 -4.03
CA THR B 256 -4.82 17.88 -3.25
C THR B 256 -3.56 18.71 -3.60
N PHE B 257 -2.43 18.04 -3.76
CA PHE B 257 -1.18 18.76 -4.00
C PHE B 257 -0.56 18.48 -5.36
N SER B 258 -1.29 17.78 -6.21
CA SER B 258 -0.84 17.56 -7.59
C SER B 258 0.49 16.79 -7.66
N LEU B 259 0.68 15.85 -6.73
CA LEU B 259 1.90 15.03 -6.63
C LEU B 259 1.44 13.59 -6.66
N THR B 260 1.00 13.13 -7.84
CA THR B 260 0.34 11.83 -7.96
C THR B 260 1.30 10.68 -7.61
N GLY B 261 2.60 10.84 -7.88
CA GLY B 261 3.56 9.81 -7.53
C GLY B 261 3.86 9.68 -6.06
N TRP B 262 3.25 10.52 -5.21
CA TRP B 262 3.44 10.35 -3.76
C TRP B 262 2.53 9.29 -3.11
N LYS B 263 1.34 9.09 -3.65
CA LYS B 263 0.47 7.95 -3.21
C LYS B 263 0.24 7.92 -1.71
N ILE B 264 -0.35 9.00 -1.19
CA ILE B 264 -0.79 9.07 0.20
C ILE B 264 -2.19 9.65 0.14
N GLY B 265 -3.16 8.96 0.74
CA GLY B 265 -4.54 9.47 0.83
C GLY B 265 -5.05 9.25 2.23
N TRP B 266 -6.35 9.39 2.42
CA TRP B 266 -6.91 9.25 3.77
C TRP B 266 -8.41 8.99 3.69
N ALA B 267 -8.91 8.39 4.74
CA ALA B 267 -10.33 8.24 5.00
C ALA B 267 -10.58 8.92 6.34
N TYR B 268 -11.66 9.70 6.46
CA TYR B 268 -12.08 10.24 7.74
C TYR B 268 -13.55 9.96 8.00
N GLY B 269 -13.91 9.88 9.28
CA GLY B 269 -15.30 9.55 9.67
C GLY B 269 -15.29 9.08 11.10
N PRO B 270 -16.46 8.65 11.63
CA PRO B 270 -16.52 8.30 13.03
C PRO B 270 -15.62 7.14 13.30
N GLU B 271 -15.15 7.09 14.53
CA GLU B 271 -14.31 6.01 15.00
C GLU B 271 -14.87 4.58 14.82
N ALA B 272 -16.15 4.39 15.13
CA ALA B 272 -16.82 3.11 14.93
C ALA B 272 -16.60 2.56 13.52
N LEU B 273 -16.79 3.40 12.49
CA LEU B 273 -16.62 2.95 11.10
C LEU B 273 -15.16 2.77 10.67
N LEU B 274 -14.29 3.63 11.20
CA LEU B 274 -12.85 3.55 10.88
C LEU B 274 -12.14 2.34 11.48
N LYS B 275 -12.68 1.79 12.56
CA LYS B 275 -12.07 0.64 13.20
C LYS B 275 -11.93 -0.46 12.18
N ASN B 276 -12.95 -0.64 11.32
CA ASN B 276 -12.88 -1.74 10.38
C ASN B 276 -11.74 -1.49 9.37
N LEU B 277 -11.61 -0.24 8.93
CA LEU B 277 -10.51 0.07 8.00
C LEU B 277 -9.15 -0.19 8.63
N GLN B 278 -9.00 0.21 9.88
CA GLN B 278 -7.73 0.04 10.60
C GLN B 278 -7.33 -1.42 10.62
N MET B 279 -8.28 -2.32 10.85
CA MET B 279 -8.02 -3.77 10.85
C MET B 279 -7.57 -4.32 9.50
N VAL B 280 -8.16 -3.82 8.42
CA VAL B 280 -7.67 -4.17 7.10
C VAL B 280 -6.25 -3.58 6.87
N HIS B 281 -6.15 -2.26 7.01
CA HIS B 281 -4.87 -1.56 6.81
C HIS B 281 -3.71 -2.22 7.56
N GLN B 282 -3.94 -2.63 8.79
CA GLN B 282 -2.83 -3.08 9.63
C GLN B 282 -2.20 -4.36 9.13
N ASN B 283 -2.98 -5.17 8.44
CA ASN B 283 -2.43 -6.39 7.86
C ASN B 283 -2.52 -6.44 6.34
N CYS B 284 -2.30 -5.28 5.72
CA CYS B 284 -2.22 -5.15 4.28
C CYS B 284 -0.89 -4.45 3.96
N VAL B 285 -0.71 -3.23 4.46
CA VAL B 285 0.58 -2.51 4.33
C VAL B 285 1.19 -2.14 5.68
N TYR B 286 0.35 -2.09 6.71
CA TYR B 286 0.73 -1.70 8.08
C TYR B 286 1.03 -0.19 8.29
N THR B 287 1.95 0.37 7.49
CA THR B 287 2.30 1.77 7.62
C THR B 287 2.70 2.32 6.25
N CYS B 288 2.68 3.65 6.11
CA CYS B 288 3.00 4.37 4.86
C CYS B 288 4.27 5.20 4.98
N ALA B 289 4.77 5.70 3.84
CA ALA B 289 6.12 6.29 3.80
C ALA B 289 6.24 7.49 4.75
N THR B 290 7.23 7.45 5.64
CA THR B 290 7.45 8.58 6.59
C THR B 290 7.82 9.93 5.93
N PRO B 291 8.92 10.02 5.14
CA PRO B 291 9.28 11.35 4.64
C PRO B 291 8.22 11.94 3.70
N ILE B 292 7.44 11.08 3.03
CA ILE B 292 6.32 11.58 2.22
C ILE B 292 5.19 12.14 3.08
N GLN B 293 4.81 11.43 4.12
CA GLN B 293 3.77 11.98 4.99
C GLN B 293 4.21 13.25 5.69
N GLU B 294 5.50 13.33 6.01
CA GLU B 294 6.07 14.51 6.63
C GLU B 294 5.96 15.67 5.66
N ALA B 295 6.28 15.44 4.40
CA ALA B 295 6.26 16.52 3.42
C ALA B 295 4.83 17.04 3.20
N ILE B 296 3.86 16.10 3.22
CA ILE B 296 2.46 16.47 3.04
C ILE B 296 1.96 17.25 4.25
N ALA B 297 2.33 16.83 5.46
CA ALA B 297 2.05 17.54 6.71
C ALA B 297 2.48 19.02 6.68
N VAL B 298 3.71 19.28 6.21
CA VAL B 298 4.20 20.65 6.00
C VAL B 298 3.35 21.37 4.97
N GLY B 299 2.94 20.66 3.92
CA GLY B 299 2.11 21.22 2.86
C GLY B 299 0.79 21.72 3.44
N PHE B 300 0.13 20.87 4.23
CA PHE B 300 -1.11 21.26 4.91
C PHE B 300 -0.91 22.39 5.88
N GLU B 301 0.09 22.30 6.74
CA GLU B 301 0.45 23.44 7.62
C GLU B 301 0.61 24.79 6.86
N THR B 302 1.28 24.75 5.71
CA THR B 302 1.46 25.91 4.84
C THR B 302 0.12 26.50 4.42
N GLU B 303 -0.79 25.65 3.96
CA GLU B 303 -2.06 26.15 3.42
C GLU B 303 -3.02 26.57 4.53
N LEU B 304 -2.93 25.88 5.67
CA LEU B 304 -3.72 26.21 6.86
C LEU B 304 -3.55 27.67 7.35
N LYS B 305 -2.44 28.29 6.99
CA LYS B 305 -2.15 29.67 7.37
C LYS B 305 -2.85 30.69 6.45
N ARG B 306 -3.43 30.21 5.35
CA ARG B 306 -3.87 31.12 4.32
C ARG B 306 -5.09 30.61 3.55
N LEU B 307 -6.03 29.98 4.27
CA LEU B 307 -7.12 29.24 3.64
C LEU B 307 -8.04 30.08 2.76
N LYS B 308 -8.05 31.39 2.95
CA LYS B 308 -8.88 32.27 2.07
C LYS B 308 -8.04 33.18 1.16
N SER B 309 -6.75 32.90 1.07
CA SER B 309 -5.90 33.64 0.16
C SER B 309 -6.01 33.10 -1.28
N PRO B 310 -5.95 34.01 -2.28
CA PRO B 310 -5.86 33.54 -3.67
C PRO B 310 -4.60 32.71 -3.94
N GLU B 311 -3.58 32.83 -3.10
CA GLU B 311 -2.33 32.06 -3.29
C GLU B 311 -2.37 30.64 -2.68
N CYS B 312 -3.41 30.38 -1.90
CA CYS B 312 -3.63 29.04 -1.31
C CYS B 312 -3.90 28.08 -2.46
N TYR B 313 -3.14 26.98 -2.53
CA TYR B 313 -3.32 26.02 -3.62
C TYR B 313 -4.74 25.38 -3.72
N PHE B 314 -5.41 25.23 -2.60
CA PHE B 314 -6.82 24.79 -2.60
C PHE B 314 -7.73 25.74 -3.41
N ASN B 315 -7.40 27.03 -3.37
CA ASN B 315 -8.19 28.04 -4.07
C ASN B 315 -7.72 28.29 -5.50
N SER B 316 -6.41 28.19 -5.73
CA SER B 316 -5.84 28.63 -7.00
C SER B 316 -5.98 27.59 -8.09
N ILE B 317 -6.02 26.31 -7.73
CA ILE B 317 -6.04 25.27 -8.74
C ILE B 317 -7.26 25.33 -9.71
N SER B 318 -8.45 25.62 -9.17
CA SER B 318 -9.65 25.76 -10.01
C SER B 318 -9.47 26.85 -11.08
N GLY B 319 -8.93 28.00 -10.68
CA GLY B 319 -8.68 29.12 -11.60
C GLY B 319 -7.67 28.79 -12.65
N GLU B 320 -6.63 28.05 -12.22
CA GLU B 320 -5.60 27.54 -13.10
C GLU B 320 -6.24 26.60 -14.10
N LEU B 321 -7.06 25.67 -13.59
CA LEU B 321 -7.66 24.65 -14.44
C LEU B 321 -8.77 25.19 -15.34
N MET B 322 -9.56 26.16 -14.85
CA MET B 322 -10.78 26.53 -15.60
C MET B 322 -10.45 27.02 -17.02
N ALA B 323 -9.36 27.75 -17.15
CA ALA B 323 -8.97 28.27 -18.47
C ALA B 323 -8.68 27.14 -19.44
N LYS B 324 -8.02 26.11 -18.92
CA LYS B 324 -7.61 24.95 -19.71
C LYS B 324 -8.82 24.09 -20.05
N ARG B 325 -9.76 23.97 -19.10
CA ARG B 325 -11.06 23.32 -19.37
C ARG B 325 -11.76 23.98 -20.56
N ASP B 326 -11.86 25.31 -20.50
CA ASP B 326 -12.51 26.09 -21.57
C ASP B 326 -11.84 25.97 -22.93
N TYR B 327 -10.51 25.89 -22.96
CA TYR B 327 -9.74 25.77 -24.21
C TYR B 327 -9.96 24.39 -24.83
N MET B 328 -9.96 23.35 -24.02
CA MET B 328 -10.18 22.01 -24.53
C MET B 328 -11.62 21.79 -25.01
N ALA B 329 -12.60 22.31 -24.25
CA ALA B 329 -14.01 22.20 -24.63
C ALA B 329 -14.21 22.84 -26.01
N SER B 330 -13.55 23.98 -26.21
CA SER B 330 -13.57 24.71 -27.47
C SER B 330 -12.99 23.89 -28.62
N PHE B 331 -11.72 23.47 -28.48
CA PHE B 331 -11.11 22.65 -29.56
C PHE B 331 -11.76 21.31 -29.82
N LEU B 332 -12.29 20.66 -28.80
CA LEU B 332 -13.05 19.41 -29.01
C LEU B 332 -14.37 19.63 -29.78
N ALA B 333 -15.11 20.67 -29.39
CA ALA B 333 -16.27 21.13 -30.15
C ALA B 333 -15.87 21.54 -31.58
N GLU B 334 -14.79 22.30 -31.71
CA GLU B 334 -14.31 22.73 -33.03
C GLU B 334 -14.09 21.59 -34.00
N VAL B 335 -13.49 20.53 -33.49
CA VAL B 335 -13.09 19.42 -34.33
C VAL B 335 -14.25 18.48 -34.64
N GLY B 336 -15.36 18.65 -33.94
CA GLY B 336 -16.55 17.85 -34.21
C GLY B 336 -17.10 17.00 -33.08
N MET B 337 -16.38 16.89 -31.96
CA MET B 337 -16.88 16.12 -30.82
C MET B 337 -17.91 16.91 -30.03
N ASN B 338 -18.74 16.19 -29.28
CA ASN B 338 -19.65 16.84 -28.33
C ASN B 338 -19.14 16.73 -26.89
N PRO B 339 -18.52 17.80 -26.36
CA PRO B 339 -17.97 17.64 -25.03
C PRO B 339 -18.96 17.93 -23.90
N THR B 340 -18.75 17.25 -22.80
CA THR B 340 -19.41 17.59 -21.54
C THR B 340 -18.48 18.46 -20.70
N VAL B 341 -18.91 19.70 -20.42
CA VAL B 341 -18.09 20.65 -19.68
C VAL B 341 -18.18 20.32 -18.19
N PRO B 342 -17.07 19.88 -17.60
CA PRO B 342 -17.09 19.46 -16.19
C PRO B 342 -17.30 20.64 -15.21
N GLN B 343 -18.04 20.39 -14.13
CA GLN B 343 -18.24 21.35 -13.03
C GLN B 343 -17.05 21.39 -12.08
N GLY B 344 -16.24 20.33 -12.12
CA GLY B 344 -15.00 20.30 -11.35
C GLY B 344 -14.05 19.24 -11.90
N GLY B 345 -12.78 19.30 -11.48
CA GLY B 345 -11.84 18.25 -11.87
C GLY B 345 -11.02 18.63 -13.10
N TYR B 346 -10.17 17.70 -13.55
CA TYR B 346 -9.38 17.95 -14.76
C TYR B 346 -9.55 16.94 -15.92
N PHE B 347 -10.70 16.26 -15.95
CA PHE B 347 -11.08 15.38 -17.05
C PHE B 347 -12.31 15.92 -17.82
N MET B 348 -12.44 15.51 -19.06
CA MET B 348 -13.62 15.90 -19.85
C MET B 348 -13.91 14.73 -20.75
N VAL B 349 -15.15 14.27 -20.73
CA VAL B 349 -15.66 13.31 -21.66
C VAL B 349 -16.22 14.06 -22.89
N ALA B 350 -16.00 13.51 -24.08
CA ALA B 350 -16.64 13.99 -25.29
C ALA B 350 -17.16 12.83 -26.13
N ASP B 351 -18.33 13.03 -26.72
CA ASP B 351 -18.86 12.08 -27.69
C ASP B 351 -18.17 12.33 -29.03
N TRP B 352 -17.35 11.38 -29.49
CA TRP B 352 -16.62 11.53 -30.76
C TRP B 352 -17.32 10.85 -31.94
N SER B 353 -18.52 10.30 -31.70
CA SER B 353 -19.12 9.38 -32.65
C SER B 353 -19.45 10.02 -33.98
N SER B 354 -19.72 11.32 -33.99
CA SER B 354 -20.02 12.01 -35.24
C SER B 354 -18.79 12.06 -36.16
N LEU B 355 -17.62 11.72 -35.61
CA LEU B 355 -16.37 11.68 -36.38
C LEU B 355 -15.95 10.29 -36.82
N ASP B 356 -16.91 9.36 -36.81
CA ASP B 356 -16.69 7.94 -37.11
C ASP B 356 -16.10 7.71 -38.54
N SER B 357 -16.32 8.68 -39.43
CA SER B 357 -15.86 8.58 -40.82
C SER B 357 -14.39 8.94 -41.00
N LYS B 358 -13.79 9.60 -40.00
CA LYS B 358 -12.39 10.03 -40.10
C LYS B 358 -11.45 9.05 -39.41
N VAL B 359 -12.05 7.98 -38.89
CA VAL B 359 -11.28 6.94 -38.22
C VAL B 359 -11.41 5.60 -38.94
N ASP B 360 -10.29 4.93 -39.20
CA ASP B 360 -10.35 3.52 -39.54
C ASP B 360 -9.93 2.74 -38.32
N LEU B 361 -10.90 2.04 -37.72
CA LEU B 361 -10.70 1.20 -36.52
C LEU B 361 -10.60 -0.28 -36.88
N THR B 362 -10.44 -0.54 -38.18
CA THR B 362 -10.46 -1.90 -38.75
C THR B 362 -9.36 -2.84 -38.25
N GLN B 363 -8.18 -2.28 -37.97
CA GLN B 363 -7.03 -3.04 -37.51
C GLN B 363 -6.99 -3.14 -35.99
N GLU B 364 -7.96 -2.55 -35.32
CA GLU B 364 -7.99 -2.61 -33.88
C GLU B 364 -8.67 -3.88 -33.37
N THR B 365 -8.06 -4.50 -32.39
CA THR B 365 -8.46 -5.83 -31.98
C THR B 365 -9.53 -5.88 -30.90
N ASP B 366 -9.61 -4.91 -29.98
CA ASP B 366 -10.60 -5.21 -28.93
C ASP B 366 -12.09 -4.95 -29.16
N ALA B 367 -12.87 -5.40 -28.19
CA ALA B 367 -14.29 -5.64 -28.35
C ALA B 367 -15.09 -4.35 -28.33
N ARG B 368 -14.57 -3.37 -27.61
CA ARG B 368 -15.26 -2.13 -27.34
C ARG B 368 -14.77 -1.01 -28.24
N LYS B 369 -15.72 -0.31 -28.86
CA LYS B 369 -15.41 0.71 -29.85
C LYS B 369 -14.47 1.80 -29.32
N ASP B 370 -14.73 2.29 -28.11
CA ASP B 370 -13.93 3.38 -27.58
C ASP B 370 -12.49 2.95 -27.24
N TYR B 371 -12.29 1.65 -27.00
CA TYR B 371 -10.93 1.06 -26.87
C TYR B 371 -10.22 1.15 -28.22
N ARG B 372 -10.88 0.65 -29.27
CA ARG B 372 -10.34 0.73 -30.62
C ARG B 372 -9.97 2.20 -31.00
N PHE B 373 -10.93 3.13 -30.80
CA PHE B 373 -10.70 4.59 -31.02
C PHE B 373 -9.48 5.16 -30.29
N THR B 374 -9.42 4.96 -28.98
CA THR B 374 -8.30 5.52 -28.21
C THR B 374 -6.93 4.87 -28.59
N LYS B 375 -6.93 3.56 -28.86
CA LYS B 375 -5.70 2.87 -29.29
C LYS B 375 -5.27 3.38 -30.65
N TRP B 376 -6.22 3.47 -31.55
CA TRP B 376 -5.92 3.91 -32.89
C TRP B 376 -5.32 5.32 -32.87
N MET B 377 -5.96 6.24 -32.15
CA MET B 377 -5.47 7.62 -32.02
C MET B 377 -4.08 7.69 -31.39
N THR B 378 -3.81 6.86 -30.40
CA THR B 378 -2.48 6.81 -29.80
C THR B 378 -1.40 6.44 -30.80
N LYS B 379 -1.64 5.36 -31.54
CA LYS B 379 -0.62 4.75 -32.40
C LYS B 379 -0.48 5.51 -33.69
N SER B 380 -1.58 6.11 -34.15
CA SER B 380 -1.65 6.69 -35.49
C SER B 380 -1.37 8.18 -35.54
N VAL B 381 -1.85 8.91 -34.53
CA VAL B 381 -1.81 10.35 -34.51
C VAL B 381 -1.10 10.92 -33.27
N GLY B 382 -0.75 10.05 -32.33
CA GLY B 382 0.10 10.45 -31.20
C GLY B 382 -0.61 11.28 -30.13
N LEU B 383 -1.90 11.02 -29.95
CA LEU B 383 -2.73 11.60 -28.88
C LEU B 383 -3.43 10.50 -28.09
N GLN B 384 -3.12 10.40 -26.79
CA GLN B 384 -3.74 9.38 -25.92
C GLN B 384 -4.85 9.93 -25.04
N GLY B 385 -6.03 9.35 -25.21
CA GLY B 385 -7.15 9.47 -24.24
C GLY B 385 -7.52 8.09 -23.65
N ILE B 386 -8.52 8.08 -22.76
CA ILE B 386 -8.91 6.86 -22.03
C ILE B 386 -10.31 6.43 -22.45
N PRO B 387 -10.54 5.11 -22.69
CA PRO B 387 -11.87 4.62 -23.10
C PRO B 387 -12.88 4.52 -21.91
N PRO B 388 -13.96 5.36 -21.94
CA PRO B 388 -14.89 5.49 -20.81
C PRO B 388 -15.68 4.22 -20.51
N SER B 389 -15.69 3.25 -21.43
CA SER B 389 -16.39 2.01 -21.17
C SER B 389 -15.68 1.22 -20.07
N ALA B 390 -14.42 1.58 -19.77
CA ALA B 390 -13.72 1.07 -18.57
C ALA B 390 -14.42 1.44 -17.24
N PHE B 391 -15.33 2.42 -17.30
CA PHE B 391 -15.96 2.96 -16.09
C PHE B 391 -17.42 2.52 -16.01
N TYR B 392 -17.81 1.59 -16.87
CA TYR B 392 -19.16 0.96 -16.86
C TYR B 392 -19.17 -0.54 -16.62
N SER B 393 -20.25 -1.04 -15.96
CA SER B 393 -20.43 -2.49 -15.78
C SER B 393 -20.64 -3.12 -17.15
N GLU B 394 -20.34 -4.40 -17.26
CA GLU B 394 -20.42 -5.08 -18.55
C GLU B 394 -21.72 -4.90 -19.34
N PRO B 395 -22.89 -5.07 -18.71
CA PRO B 395 -24.18 -4.77 -19.37
C PRO B 395 -24.34 -3.37 -19.98
N ASN B 396 -23.62 -2.38 -19.42
CA ASN B 396 -23.80 -1.01 -19.82
C ASN B 396 -22.55 -0.44 -20.49
N LYS B 397 -21.61 -1.29 -20.87
CA LYS B 397 -20.43 -0.76 -21.53
C LYS B 397 -20.76 0.03 -22.80
N HIS B 398 -21.81 -0.39 -23.53
CA HIS B 398 -22.29 0.36 -24.71
C HIS B 398 -22.54 1.85 -24.48
N LEU B 399 -22.92 2.20 -23.26
CA LEU B 399 -23.12 3.62 -22.90
C LEU B 399 -21.87 4.47 -23.02
N GLY B 400 -20.70 3.84 -22.85
CA GLY B 400 -19.41 4.53 -22.94
C GLY B 400 -18.73 4.53 -24.30
N GLU B 401 -19.11 3.59 -25.17
CA GLU B 401 -18.42 3.33 -26.44
C GLU B 401 -18.28 4.51 -27.42
N ASP B 402 -19.19 5.48 -27.37
CA ASP B 402 -19.12 6.64 -28.26
C ASP B 402 -18.29 7.77 -27.67
N PHE B 403 -17.66 7.52 -26.50
CA PHE B 403 -16.99 8.60 -25.77
C PHE B 403 -15.47 8.41 -25.62
N VAL B 404 -14.84 9.49 -25.17
CA VAL B 404 -13.40 9.52 -24.88
C VAL B 404 -13.20 10.45 -23.69
N ARG B 405 -12.32 10.07 -22.77
CA ARG B 405 -11.96 10.98 -21.65
C ARG B 405 -10.60 11.58 -21.91
N TYR B 406 -10.45 12.92 -21.82
CA TYR B 406 -9.12 13.55 -21.92
C TYR B 406 -8.82 14.27 -20.63
N CYS B 407 -7.53 14.35 -20.29
CA CYS B 407 -7.07 15.12 -19.14
C CYS B 407 -6.48 16.45 -19.64
N PHE B 408 -6.90 17.55 -19.01
CA PHE B 408 -6.50 18.90 -19.43
C PHE B 408 -5.59 19.59 -18.38
N PHE B 409 -5.00 18.81 -17.45
CA PHE B 409 -4.08 19.34 -16.46
C PHE B 409 -2.70 19.43 -17.09
N LYS B 410 -2.53 20.32 -18.08
CA LYS B 410 -1.27 20.31 -18.85
C LYS B 410 -0.85 21.70 -19.15
N LYS B 411 0.43 21.84 -19.47
CA LYS B 411 0.98 23.06 -19.95
C LYS B 411 0.15 23.54 -21.14
N ASP B 412 -0.07 24.86 -21.22
CA ASP B 412 -0.81 25.40 -22.38
C ASP B 412 -0.21 24.98 -23.70
N GLU B 413 1.12 24.96 -23.79
CA GLU B 413 1.77 24.51 -25.01
C GLU B 413 1.38 23.11 -25.45
N ASN B 414 1.06 22.25 -24.48
CA ASN B 414 0.68 20.88 -24.80
C ASN B 414 -0.82 20.74 -25.14
N LEU B 415 -1.63 21.58 -24.51
CA LEU B 415 -3.04 21.65 -24.89
C LEU B 415 -3.18 22.19 -26.33
N GLN B 416 -2.34 23.18 -26.67
CA GLN B 416 -2.28 23.63 -28.05
C GLN B 416 -1.80 22.52 -28.98
N LYS B 417 -0.87 21.71 -28.51
CA LYS B 417 -0.31 20.63 -29.33
C LYS B 417 -1.41 19.64 -29.66
N ALA B 418 -2.23 19.32 -28.65
CA ALA B 418 -3.38 18.42 -28.81
C ALA B 418 -4.38 19.02 -29.83
N ALA B 419 -4.71 20.29 -29.64
CA ALA B 419 -5.57 21.02 -30.58
C ALA B 419 -5.09 20.87 -32.02
N GLU B 420 -3.78 21.02 -32.26
CA GLU B 420 -3.22 21.01 -33.61
C GLU B 420 -3.22 19.62 -34.22
N ILE B 421 -2.89 18.62 -33.42
CA ILE B 421 -3.06 17.22 -33.80
C ILE B 421 -4.51 17.01 -34.27
N LEU B 422 -5.48 17.42 -33.46
CA LEU B 422 -6.89 17.26 -33.80
C LEU B 422 -7.32 18.04 -35.05
N ARG B 423 -6.85 19.27 -35.18
CA ARG B 423 -7.13 20.08 -36.37
C ARG B 423 -6.54 19.44 -37.64
N LYS B 424 -5.33 18.90 -37.54
CA LYS B 424 -4.66 18.26 -38.65
C LYS B 424 -5.37 16.95 -39.03
N TRP B 425 -5.70 16.15 -38.02
CA TRP B 425 -6.39 14.88 -38.22
C TRP B 425 -7.75 15.08 -38.90
N LYS B 426 -8.49 16.09 -38.47
CA LYS B 426 -9.77 16.45 -39.06
C LYS B 426 -9.53 17.19 -40.38
N GLY B 427 -10.29 16.86 -41.41
CA GLY B 427 -10.18 17.62 -42.65
C GLY B 427 -8.84 17.57 -43.38
N SER B 428 -7.85 16.92 -42.76
CA SER B 428 -6.70 16.42 -43.52
C SER B 428 -7.03 14.96 -43.77
N SER B 429 -7.86 14.79 -44.80
CA SER B 429 -8.52 13.54 -45.14
C SER B 429 -7.74 12.81 -46.25
#